data_9BUC
#
_entry.id   9BUC
#
_cell.length_a   1.00
_cell.length_b   1.00
_cell.length_c   1.00
_cell.angle_alpha   90.00
_cell.angle_beta   90.00
_cell.angle_gamma   90.00
#
_symmetry.space_group_name_H-M   'P 1'
#
loop_
_entity.id
_entity.type
_entity.pdbx_description
1 polymer Cagrilintide
2 polymer 'Calcitonin receptor'
3 polymer 'Guanine nucleotide-binding protein G(s) subunit alpha isoforms short'
4 polymer 'Guanine nucleotide-binding protein G(I)/G(S)/G(T) subunit beta-1'
5 polymer 'Guanine nucleotide-binding protein G(I)/G(S)/G(O) subunit gamma-2'
6 polymer 'Nanobody 35'
7 non-polymer 'icosanedioic acid'
#
loop_
_entity_poly.entity_id
_entity_poly.type
_entity_poly.pdbx_seq_one_letter_code
_entity_poly.pdbx_strand_id
1 'polypeptide(L)' (GGL)KCNTATCATQRLAEFLRHSSNNFGPILPPTNVGSNTP P
2 'polypeptide(L)'
;GPAAFSNQTYPTIEPKPFLYVVGRKKMMDAQYKCYDRMQQLPAYQGEGPYCNRTWDGWLCWDDTPAGVLSYQFCPDYFPD
FDPSEKVTKYCDEKGVWFKHPENNRTWSNYTMCNAFTPEKLKNAYVLYYLAIVGHSLSIFTLVISLGIFVFFRSLGCQRV
TLHKNMFLTYILNSMIIIIHLVEVVPNGELVRRDPVSCKILHFFHQYMMACNYFWMLCEGIYLHTLIVVAVFTEKQRLRW
YYLLGWGFPLVPTTIHAITRAVYFNDNCWLSVETHLLYIIHGPVMAALVVNFFFLLNIVRVLVTKMRETHEAESHMYLKA
VKATMILVPLLGIQFVVFPWRPSNKMLGKIYDYVMHSLIHFQGFFVATIYCFCNNEVQTTVKRQWAQFKIQWNQRWGRRP
SNRSARAAAAAAEAGDIPIYICHQELRNEPANNQGEESAEIIPLNIIEQESSAPAGLEVLFQ
;
R
3 'polypeptide(L)'
;MGCLGNSKTEDQRNEEKAQREANKKIEKQLQKDKQVYRATHRLLLLGAGESGKNTIVKQMRILHVNGFNGEGGEEDPQAA
RSNSDGEKATKVQDIKNNLKEAIETIVAAMSNLVPPVELANPENQFRVDYILSVMNVPDFDFPPEFYEHAKALWEDEGVR
ACYERSNEYQLIDCAQYFLDKIDVIKQADYVPSDQDLLRCRVLTSGIFETKFQVDKVNFHMFDVGAQRDERRKWIQCFND
VTAIIFVVASSSYNMVIREDNQTNRLQAALKLFDSIWNNKWLRDTSVILFLNKQDLLAEKVLAGKSKIEDYFPEFARYTT
PEDATPEPGEDPRVTRAKYFIRDEFLRISTASGDGRHYCYPHFTCSVDTENIRRVFNDCRDIIQRMHLRQYELL
;
A
4 'polypeptide(L)'
;MHHHHHHGSSGSELDQLRQEAEQLKNQIRDARKACADATLSQITNNIDPVGRIQMRTRRTLRGHLAKIYAMHWGTDSRLL
VSASQDGKLIIWDSYTTNKVHAIPLRSSWVMTCAYAPSGNYVACGGLDNICSIYNLKTREGNVRVSRELAGHTGYLSCCR
FLDDNQIVTSSGDTTCALWDIETGQQTTTFTGHTGDVMSLSLAPDTRLFVSGACDASAKLWDVREGMCRQTFTGHESDIN
AICFFPNGNAFATGSDDATCRLFDLRADQELMTYSHDNIICGITSVSFSKSGRLLLAGYDDFNCNVWDALKADRAGVLAG
HDNRVSCLGVTDDGMAVATGSWDSFLKIWN
;
B
5 'polypeptide(L)' MASNNTASIAQARKLVEQLKMEANIDRIKVSKAAADLMAYCEAHAKEDPLLTPVPASENPFREKKFFCAIL G
6 'polypeptide(L)'
;QVQLQESGGGLVQPGGSLRLSCAASGFTFSNYKMNWVRQAPGKGLEWVSDISQSGASISYTGSVKGRFTISRDNAKNTLY
LQMNSLKPEDTAVYYCARCPAPFTRDCFDVTSTTYAYRGQGTQVTVSSHHHHHHEPEA
;
N
#
loop_
_chem_comp.id
_chem_comp.type
_chem_comp.name
_chem_comp.formula
A1B90 non-polymer 'icosanedioic acid' 'C20 H38 O4'
GGL L-gamma-peptide, C-delta linking 'GAMMA-L-GLUTAMIC ACID' 'C5 H9 N O4'
#
# COMPACT_ATOMS: atom_id res chain seq x y z
N GGL A 1 -32.00 43.76 3.74
CA GGL A 1 -31.33 42.84 2.84
C GGL A 1 -30.07 43.50 2.29
O GGL A 1 -29.88 44.73 2.43
CB GGL A 1 -32.27 42.45 1.70
CG GGL A 1 -32.17 43.38 0.50
CD GGL A 1 -31.52 42.69 -0.70
OE1 GGL A 1 -31.87 42.97 -1.87
OXT GGL A 1 -29.20 42.79 1.69
N LYS A 2 -30.59 41.78 -0.42
CA LYS A 2 -29.88 41.04 -1.44
C LYS A 2 -29.10 39.87 -0.84
N CYS A 3 -28.60 38.98 -1.69
CA CYS A 3 -27.73 37.91 -1.23
C CYS A 3 -26.31 38.41 -1.01
N ASN A 4 -25.67 38.89 -2.07
CA ASN A 4 -24.31 39.44 -2.01
C ASN A 4 -23.33 38.45 -1.39
N THR A 5 -23.49 37.17 -1.71
CA THR A 5 -22.63 36.12 -1.20
C THR A 5 -22.24 35.19 -2.35
N ALA A 6 -21.08 34.55 -2.19
CA ALA A 6 -20.58 33.64 -3.22
C ALA A 6 -21.49 32.43 -3.42
N THR A 7 -22.11 31.94 -2.35
CA THR A 7 -22.98 30.76 -2.48
C THR A 7 -24.27 31.10 -3.21
N CYS A 8 -24.61 32.38 -3.30
CA CYS A 8 -25.84 32.84 -3.95
C CYS A 8 -25.59 33.36 -5.36
N ALA A 9 -24.42 33.07 -5.93
CA ALA A 9 -24.08 33.64 -7.24
C ALA A 9 -24.98 33.10 -8.34
N THR A 10 -25.21 31.78 -8.35
CA THR A 10 -26.00 31.18 -9.42
C THR A 10 -27.45 31.64 -9.37
N GLN A 11 -28.03 31.69 -8.18
CA GLN A 11 -29.43 32.08 -8.05
C GLN A 11 -29.65 33.51 -8.50
N ARG A 12 -28.73 34.43 -8.15
CA ARG A 12 -28.86 35.81 -8.58
C ARG A 12 -28.79 35.91 -10.10
N LEU A 13 -27.87 35.17 -10.72
CA LEU A 13 -27.75 35.20 -12.18
C LEU A 13 -29.02 34.67 -12.84
N ALA A 14 -29.55 33.56 -12.33
CA ALA A 14 -30.78 33.00 -12.90
C ALA A 14 -31.95 33.95 -12.74
N GLU A 15 -32.08 34.58 -11.57
CA GLU A 15 -33.16 35.53 -11.36
C GLU A 15 -33.02 36.74 -12.27
N PHE A 16 -31.78 37.22 -12.48
CA PHE A 16 -31.57 38.35 -13.38
C PHE A 16 -31.94 37.98 -14.81
N LEU A 17 -31.58 36.77 -15.23
CA LEU A 17 -31.99 36.31 -16.56
C LEU A 17 -33.51 36.25 -16.68
N ARG A 18 -34.17 35.73 -15.64
CA ARG A 18 -35.63 35.59 -15.68
C ARG A 18 -36.31 36.95 -15.76
N HIS A 19 -35.82 37.93 -14.97
CA HIS A 19 -36.48 39.22 -14.91
C HIS A 19 -36.15 40.08 -16.13
N SER A 20 -34.95 39.95 -16.67
CA SER A 20 -34.53 40.80 -17.78
C SER A 20 -34.98 40.24 -19.12
N SER A 21 -34.58 39.02 -19.44
CA SER A 21 -34.90 38.43 -20.74
C SER A 21 -36.40 38.17 -20.84
N ASN A 22 -36.95 38.47 -22.02
CA ASN A 22 -38.38 38.26 -22.30
C ASN A 22 -38.59 36.86 -22.85
N ASN A 23 -38.55 35.91 -21.91
CA ASN A 23 -38.67 34.46 -22.23
C ASN A 23 -37.69 34.14 -23.37
N PHE A 24 -36.44 34.58 -23.19
CA PHE A 24 -35.34 34.30 -24.11
C PHE A 24 -35.70 34.66 -25.55
N GLY A 25 -36.56 35.65 -25.71
CA GLY A 25 -36.98 36.08 -27.03
C GLY A 25 -36.03 37.10 -27.63
N PRO A 26 -36.42 37.63 -28.78
CA PRO A 26 -35.61 38.68 -29.41
C PRO A 26 -35.55 39.93 -28.54
N ILE A 27 -34.41 40.62 -28.62
CA ILE A 27 -34.22 41.81 -27.81
C ILE A 27 -35.20 42.89 -28.22
N LEU A 28 -35.69 43.65 -27.24
CA LEU A 28 -36.66 44.71 -27.47
C LEU A 28 -35.98 46.07 -27.35
N PRO A 29 -36.51 47.11 -27.96
CA PRO A 29 -35.89 48.45 -27.84
C PRO A 29 -35.86 48.90 -26.39
N PRO A 30 -34.77 49.55 -25.98
CA PRO A 30 -34.66 49.96 -24.57
C PRO A 30 -35.71 50.99 -24.19
N THR A 31 -36.11 50.94 -22.92
CA THR A 31 -37.04 51.94 -22.41
C THR A 31 -36.38 53.32 -22.44
N ASN A 32 -37.12 54.30 -22.95
CA ASN A 32 -36.58 55.64 -23.10
C ASN A 32 -36.32 56.27 -21.74
N VAL A 33 -35.17 56.91 -21.60
CA VAL A 33 -34.81 57.64 -20.40
C VAL A 33 -34.47 59.10 -20.70
N GLY A 34 -35.00 59.63 -21.81
CA GLY A 34 -34.71 60.98 -22.22
C GLY A 34 -35.57 62.00 -21.49
N SER A 35 -35.52 63.23 -21.99
CA SER A 35 -36.26 64.32 -21.36
C SER A 35 -37.77 64.11 -21.43
N ASN A 36 -38.23 63.29 -22.37
CA ASN A 36 -39.67 63.05 -22.50
C ASN A 36 -40.25 62.38 -21.26
N THR A 37 -39.56 61.37 -20.74
CA THR A 37 -40.03 60.66 -19.57
C THR A 37 -39.51 61.33 -18.29
N PRO A 38 -40.27 61.25 -17.19
CA PRO A 38 -39.84 61.77 -15.89
C PRO A 38 -38.50 61.20 -15.44
N TYR B 20 -46.77 43.35 -18.42
CA TYR B 20 -46.96 44.79 -18.49
C TYR B 20 -47.93 45.27 -17.41
N VAL B 21 -49.08 44.59 -17.32
CA VAL B 21 -50.09 44.96 -16.34
C VAL B 21 -49.56 44.76 -14.92
N VAL B 22 -48.75 43.71 -14.73
CA VAL B 22 -48.12 43.49 -13.42
C VAL B 22 -47.18 44.64 -13.09
N GLY B 23 -46.40 45.09 -14.07
CA GLY B 23 -45.55 46.25 -13.86
C GLY B 23 -46.35 47.50 -13.57
N ARG B 24 -47.47 47.69 -14.28
CA ARG B 24 -48.38 48.80 -14.00
C ARG B 24 -48.85 48.76 -12.55
N LYS B 25 -49.25 47.58 -12.09
CA LYS B 25 -49.73 47.44 -10.71
C LYS B 25 -48.63 47.74 -9.71
N LYS B 26 -47.39 47.39 -10.03
CA LYS B 26 -46.29 47.66 -9.09
C LYS B 26 -46.08 49.15 -8.89
N MET B 27 -46.06 49.93 -9.97
CA MET B 27 -45.82 51.37 -9.79
C MET B 27 -47.05 52.06 -9.24
N MET B 28 -48.24 51.58 -9.58
CA MET B 28 -49.46 52.11 -8.96
C MET B 28 -49.47 51.85 -7.46
N ASP B 29 -49.04 50.65 -7.08
CA ASP B 29 -48.85 50.31 -5.64
C ASP B 29 -47.83 51.27 -5.05
N ALA B 30 -46.70 51.48 -5.73
CA ALA B 30 -45.63 52.36 -5.22
C ALA B 30 -46.15 53.80 -5.08
N GLN B 31 -46.89 54.27 -6.08
CA GLN B 31 -47.45 55.65 -6.04
C GLN B 31 -48.42 55.73 -4.86
N TYR B 32 -49.23 54.69 -4.66
CA TYR B 32 -50.21 54.68 -3.56
C TYR B 32 -49.46 54.77 -2.22
N LYS B 33 -48.37 54.02 -2.08
CA LYS B 33 -47.57 54.05 -0.83
C LYS B 33 -46.99 55.45 -0.65
N CYS B 34 -46.47 56.04 -1.72
CA CYS B 34 -45.91 57.41 -1.64
C CYS B 34 -47.04 58.39 -1.31
N TYR B 35 -48.20 58.20 -1.94
CA TYR B 35 -49.37 59.08 -1.66
C TYR B 35 -49.74 58.92 -0.19
N ASP B 36 -49.71 57.68 0.31
CA ASP B 36 -50.02 57.42 1.74
C ASP B 36 -48.96 58.12 2.59
N ARG B 37 -47.70 58.08 2.16
CA ARG B 37 -46.59 58.70 2.95
C ARG B 37 -46.72 60.22 2.97
N TYR B 50 -34.90 74.81 0.01
CA TYR B 50 -35.01 73.36 -0.01
C TYR B 50 -35.99 72.94 -1.10
N CYS B 51 -35.71 71.80 -1.72
CA CYS B 51 -36.58 71.26 -2.76
C CYS B 51 -37.75 70.53 -2.14
N ASN B 52 -38.97 70.81 -2.59
CA ASN B 52 -40.13 70.01 -2.09
C ASN B 52 -40.07 68.61 -2.74
N ARG B 53 -40.51 67.58 -2.02
CA ARG B 53 -40.41 66.19 -2.55
C ARG B 53 -41.31 66.09 -3.79
N THR B 54 -40.80 65.48 -4.87
CA THR B 54 -41.60 65.36 -6.12
C THR B 54 -41.65 63.90 -6.57
N TRP B 55 -42.85 63.38 -6.86
CA TRP B 55 -42.97 62.00 -7.40
C TRP B 55 -43.00 62.11 -8.91
N ASP B 56 -41.97 61.60 -9.60
CA ASP B 56 -41.91 61.80 -11.07
C ASP B 56 -43.13 61.16 -11.74
N GLY B 57 -43.57 60.01 -11.22
CA GLY B 57 -44.43 59.11 -11.94
C GLY B 57 -43.99 57.67 -11.82
N TRP B 58 -42.71 57.46 -11.51
CA TRP B 58 -42.16 56.14 -11.25
C TRP B 58 -41.66 56.00 -9.83
N LEU B 59 -40.88 56.97 -9.36
CA LEU B 59 -40.45 57.01 -7.94
C LEU B 59 -40.66 58.41 -7.37
N CYS B 60 -40.73 58.52 -6.04
CA CYS B 60 -40.83 59.86 -5.41
C CYS B 60 -39.73 59.98 -4.36
N TRP B 61 -39.03 61.12 -4.32
CA TRP B 61 -37.90 61.30 -3.38
C TRP B 61 -38.40 61.92 -2.06
N ASP B 62 -37.49 62.12 -1.11
CA ASP B 62 -37.76 62.71 0.19
C ASP B 62 -37.36 64.18 0.17
N ASP B 63 -37.35 64.82 1.35
CA ASP B 63 -36.95 66.21 1.44
C ASP B 63 -35.48 66.36 1.06
N THR B 64 -35.19 67.39 0.26
CA THR B 64 -33.86 67.56 -0.30
C THR B 64 -33.48 69.03 -0.22
N PRO B 65 -32.29 69.35 0.28
CA PRO B 65 -31.85 70.75 0.28
C PRO B 65 -31.27 71.14 -1.08
N ALA B 66 -30.93 72.41 -1.24
CA ALA B 66 -30.45 72.91 -2.53
C ALA B 66 -28.99 72.53 -2.74
N GLY B 67 -28.69 71.99 -3.91
CA GLY B 67 -27.32 71.69 -4.29
C GLY B 67 -26.80 70.36 -3.82
N VAL B 68 -27.49 69.27 -4.17
CA VAL B 68 -27.05 67.92 -3.84
C VAL B 68 -27.73 66.94 -4.78
N LEU B 69 -27.11 65.77 -4.94
CA LEU B 69 -27.59 64.72 -5.83
C LEU B 69 -28.02 63.53 -5.00
N SER B 70 -29.27 63.09 -5.19
CA SER B 70 -29.85 62.00 -4.43
C SER B 70 -29.81 60.70 -5.23
N TYR B 71 -29.72 59.58 -4.51
CA TYR B 71 -29.63 58.26 -5.12
C TYR B 71 -30.64 57.32 -4.49
N GLN B 72 -31.19 56.43 -5.31
CA GLN B 72 -32.00 55.32 -4.84
C GLN B 72 -32.00 54.24 -5.92
N PHE B 73 -32.38 53.03 -5.53
CA PHE B 73 -32.29 51.88 -6.43
C PHE B 73 -33.29 52.03 -7.58
N CYS B 74 -32.88 51.53 -8.75
CA CYS B 74 -33.72 51.62 -9.93
C CYS B 74 -34.90 50.65 -9.82
N PRO B 75 -36.11 51.09 -10.13
CA PRO B 75 -37.28 50.21 -9.99
C PRO B 75 -37.28 49.13 -11.06
N ASP B 76 -38.08 48.08 -10.79
CA ASP B 76 -38.20 46.93 -11.69
C ASP B 76 -39.54 46.90 -12.41
N TYR B 77 -40.07 48.06 -12.79
CA TYR B 77 -41.37 48.09 -13.46
C TYR B 77 -41.27 47.50 -14.86
N PHE B 78 -40.16 47.72 -15.54
CA PHE B 78 -39.95 47.25 -16.90
C PHE B 78 -38.92 46.13 -16.93
N PRO B 79 -39.05 45.19 -17.88
CA PRO B 79 -38.07 44.10 -17.95
C PRO B 79 -36.65 44.58 -18.20
N ASP B 80 -36.49 45.67 -18.96
CA ASP B 80 -35.16 46.21 -19.26
C ASP B 80 -34.50 46.81 -18.03
N PHE B 81 -35.28 47.46 -17.16
CA PHE B 81 -34.73 48.17 -16.01
C PHE B 81 -33.96 47.21 -15.11
N ASP B 82 -32.78 47.64 -14.67
CA ASP B 82 -31.93 46.83 -13.81
C ASP B 82 -32.07 47.31 -12.37
N PRO B 83 -32.60 46.50 -11.46
CA PRO B 83 -32.77 46.97 -10.08
C PRO B 83 -31.48 47.38 -9.38
N SER B 84 -30.36 46.72 -9.72
CA SER B 84 -29.09 47.00 -9.05
C SER B 84 -28.55 48.39 -9.34
N GLU B 85 -28.99 49.04 -10.41
CA GLU B 85 -28.46 50.35 -10.77
C GLU B 85 -29.04 51.43 -9.86
N LYS B 86 -28.34 52.56 -9.80
CA LYS B 86 -28.70 53.68 -8.94
C LYS B 86 -29.28 54.81 -9.77
N VAL B 87 -30.43 55.33 -9.36
CA VAL B 87 -31.06 56.45 -10.05
C VAL B 87 -30.67 57.75 -9.36
N THR B 88 -30.31 58.75 -10.17
CA THR B 88 -29.82 60.02 -9.66
C THR B 88 -30.88 61.10 -9.83
N LYS B 89 -30.95 62.01 -8.86
CA LYS B 89 -31.86 63.15 -8.91
C LYS B 89 -31.15 64.34 -8.29
N TYR B 90 -31.14 65.46 -9.00
CA TYR B 90 -30.41 66.66 -8.58
C TYR B 90 -31.38 67.80 -8.31
N CYS B 91 -31.18 68.46 -7.17
CA CYS B 91 -31.90 69.68 -6.84
C CYS B 91 -30.94 70.86 -7.00
N ASP B 92 -31.37 71.86 -7.77
CA ASP B 92 -30.50 72.99 -8.04
C ASP B 92 -30.25 73.81 -6.77
N GLU B 93 -29.20 74.61 -6.82
CA GLU B 93 -28.83 75.48 -5.70
C GLU B 93 -29.87 76.56 -5.41
N LYS B 94 -30.78 76.81 -6.35
CA LYS B 94 -31.83 77.81 -6.16
C LYS B 94 -33.06 77.26 -5.46
N GLY B 95 -33.09 75.96 -5.16
CA GLY B 95 -34.21 75.36 -4.46
C GLY B 95 -35.26 74.69 -5.32
N VAL B 96 -34.99 74.51 -6.62
CA VAL B 96 -35.92 73.88 -7.53
C VAL B 96 -35.20 72.78 -8.29
N TRP B 97 -35.97 71.80 -8.78
CA TRP B 97 -35.39 70.72 -9.54
C TRP B 97 -34.99 71.18 -10.94
N PHE B 98 -34.14 70.39 -11.59
CA PHE B 98 -33.61 70.75 -12.90
C PHE B 98 -34.69 70.65 -13.97
N LYS B 99 -34.71 71.64 -14.86
CA LYS B 99 -35.58 71.64 -16.04
C LYS B 99 -34.71 71.58 -17.28
N HIS B 100 -34.97 70.59 -18.14
CA HIS B 100 -34.17 70.44 -19.34
C HIS B 100 -34.39 71.62 -20.28
N PRO B 101 -33.32 72.23 -20.79
CA PRO B 101 -33.49 73.47 -21.58
C PRO B 101 -34.33 73.31 -22.83
N GLU B 102 -34.29 72.16 -23.49
CA GLU B 102 -34.99 72.02 -24.77
C GLU B 102 -36.50 72.06 -24.59
N ASN B 103 -37.02 71.39 -23.57
CA ASN B 103 -38.46 71.32 -23.35
C ASN B 103 -38.94 72.14 -22.17
N ASN B 104 -38.02 72.64 -21.34
CA ASN B 104 -38.37 73.45 -20.16
C ASN B 104 -39.33 72.71 -19.24
N ARG B 105 -39.08 71.42 -19.04
CA ARG B 105 -39.90 70.58 -18.18
C ARG B 105 -39.01 69.71 -17.31
N THR B 106 -39.54 69.30 -16.17
CA THR B 106 -38.76 68.50 -15.22
C THR B 106 -38.37 67.16 -15.83
N TRP B 107 -37.10 66.79 -15.65
CA TRP B 107 -36.60 65.51 -16.12
C TRP B 107 -35.46 65.06 -15.22
N SER B 108 -35.43 63.76 -14.92
CA SER B 108 -34.42 63.18 -14.06
C SER B 108 -33.44 62.34 -14.88
N ASN B 109 -32.22 62.23 -14.36
CA ASN B 109 -31.15 61.49 -15.03
C ASN B 109 -31.30 59.99 -14.78
N TYR B 110 -32.26 59.40 -15.48
CA TYR B 110 -32.52 57.96 -15.40
C TYR B 110 -31.68 57.15 -16.38
N THR B 111 -30.67 57.77 -16.99
CA THR B 111 -29.87 57.09 -18.01
C THR B 111 -29.08 55.91 -17.45
N MET B 112 -28.84 55.89 -16.13
CA MET B 112 -27.99 54.87 -15.54
C MET B 112 -28.57 53.47 -15.74
N CYS B 113 -29.88 53.31 -15.55
CA CYS B 113 -30.49 51.99 -15.63
C CYS B 113 -30.32 51.37 -17.01
N ASN B 114 -30.57 52.15 -18.06
CA ASN B 114 -30.54 51.59 -19.41
C ASN B 114 -29.15 51.68 -20.04
N ALA B 115 -28.24 52.42 -19.41
CA ALA B 115 -26.90 52.57 -19.97
C ALA B 115 -26.10 51.27 -19.85
N PHE B 116 -26.21 50.59 -18.72
CA PHE B 116 -25.40 49.41 -18.43
C PHE B 116 -26.14 48.11 -18.66
N THR B 117 -27.33 48.15 -19.26
CA THR B 117 -28.16 46.95 -19.37
C THR B 117 -27.70 45.99 -20.48
N PRO B 118 -27.51 46.42 -21.72
CA PRO B 118 -27.16 45.44 -22.77
C PRO B 118 -25.85 44.70 -22.53
N GLU B 119 -24.83 45.41 -22.03
CA GLU B 119 -23.56 44.75 -21.74
C GLU B 119 -23.71 43.72 -20.64
N LYS B 120 -24.48 44.07 -19.59
CA LYS B 120 -24.75 43.10 -18.53
C LYS B 120 -25.53 41.91 -19.05
N LEU B 121 -26.46 42.14 -19.99
CA LEU B 121 -27.21 41.03 -20.57
C LEU B 121 -26.31 40.10 -21.37
N LYS B 122 -25.39 40.66 -22.15
CA LYS B 122 -24.45 39.83 -22.91
C LYS B 122 -23.54 39.03 -21.98
N ASN B 123 -23.02 39.69 -20.94
CA ASN B 123 -22.17 38.99 -19.98
C ASN B 123 -22.95 37.89 -19.26
N ALA B 124 -24.22 38.15 -18.95
CA ALA B 124 -25.03 37.15 -18.27
C ALA B 124 -25.35 35.97 -19.18
N TYR B 125 -25.56 36.22 -20.48
CA TYR B 125 -25.73 35.13 -21.43
C TYR B 125 -24.48 34.27 -21.49
N VAL B 126 -23.31 34.90 -21.56
CA VAL B 126 -22.06 34.15 -21.59
C VAL B 126 -21.90 33.33 -20.31
N LEU B 127 -22.21 33.95 -19.16
CA LEU B 127 -22.09 33.26 -17.88
C LEU B 127 -23.04 32.07 -17.80
N TYR B 128 -24.27 32.22 -18.31
CA TYR B 128 -25.24 31.14 -18.27
C TYR B 128 -24.81 29.98 -19.16
N TYR B 129 -24.31 30.28 -20.36
CA TYR B 129 -23.78 29.23 -21.23
C TYR B 129 -22.60 28.52 -20.57
N LEU B 130 -21.71 29.29 -19.96
CA LEU B 130 -20.55 28.70 -19.28
C LEU B 130 -21.00 27.81 -18.12
N ALA B 131 -22.01 28.26 -17.37
CA ALA B 131 -22.52 27.45 -16.26
C ALA B 131 -23.09 26.13 -16.76
N ILE B 132 -23.87 26.17 -17.83
CA ILE B 132 -24.44 24.94 -18.37
C ILE B 132 -23.34 23.99 -18.81
N VAL B 133 -22.36 24.50 -19.56
CA VAL B 133 -21.29 23.66 -20.08
C VAL B 133 -20.49 23.05 -18.93
N GLY B 134 -20.11 23.88 -17.95
CA GLY B 134 -19.34 23.39 -16.82
C GLY B 134 -20.09 22.36 -16.00
N HIS B 135 -21.37 22.59 -15.77
CA HIS B 135 -22.16 21.62 -15.01
C HIS B 135 -22.28 20.30 -15.77
N SER B 136 -22.49 20.35 -17.09
CA SER B 136 -22.59 19.11 -17.85
C SER B 136 -21.28 18.32 -17.79
N LEU B 137 -20.16 19.00 -17.98
CA LEU B 137 -18.87 18.34 -17.88
C LEU B 137 -18.63 17.79 -16.48
N SER B 138 -19.11 18.52 -15.47
CA SER B 138 -18.97 18.08 -14.09
C SER B 138 -19.73 16.78 -13.85
N ILE B 139 -20.98 16.70 -14.31
CA ILE B 139 -21.74 15.45 -14.14
C ILE B 139 -21.07 14.31 -14.88
N PHE B 140 -20.59 14.56 -16.09
CA PHE B 140 -19.94 13.50 -16.85
C PHE B 140 -18.71 12.96 -16.11
N THR B 141 -17.81 13.85 -15.71
CA THR B 141 -16.59 13.43 -15.03
C THR B 141 -16.91 12.78 -13.68
N LEU B 142 -17.87 13.33 -12.94
CA LEU B 142 -18.19 12.79 -11.62
C LEU B 142 -18.87 11.43 -11.72
N VAL B 143 -19.70 11.20 -12.73
CA VAL B 143 -20.31 9.88 -12.87
C VAL B 143 -19.26 8.85 -13.28
N ILE B 144 -18.28 9.26 -14.11
CA ILE B 144 -17.17 8.35 -14.39
C ILE B 144 -16.40 8.04 -13.12
N SER B 145 -16.15 9.05 -12.29
CA SER B 145 -15.42 8.84 -11.05
C SER B 145 -16.18 7.93 -10.10
N LEU B 146 -17.50 8.11 -9.99
CA LEU B 146 -18.30 7.23 -9.14
C LEU B 146 -18.28 5.81 -9.66
N GLY B 147 -18.37 5.63 -10.98
CA GLY B 147 -18.27 4.29 -11.54
C GLY B 147 -16.93 3.64 -11.21
N ILE B 148 -15.85 4.40 -11.31
CA ILE B 148 -14.53 3.86 -10.96
C ILE B 148 -14.47 3.49 -9.48
N PHE B 149 -14.98 4.36 -8.61
CA PHE B 149 -14.89 4.12 -7.17
C PHE B 149 -15.80 2.99 -6.69
N VAL B 150 -16.90 2.73 -7.40
CA VAL B 150 -17.86 1.71 -7.00
C VAL B 150 -17.51 0.35 -7.61
N PHE B 151 -17.20 0.32 -8.91
CA PHE B 151 -16.93 -0.95 -9.58
C PHE B 151 -15.67 -1.63 -9.03
N PHE B 152 -14.71 -0.85 -8.55
CA PHE B 152 -13.46 -1.39 -8.03
C PHE B 152 -13.54 -1.46 -6.50
N ARG B 153 -13.44 -2.66 -5.96
CA ARG B 153 -13.57 -2.89 -4.52
C ARG B 153 -12.25 -2.76 -3.76
N SER B 154 -11.12 -2.73 -4.46
CA SER B 154 -9.83 -2.68 -3.77
C SER B 154 -9.58 -1.32 -3.13
N LEU B 155 -10.03 -0.24 -3.77
CA LEU B 155 -9.77 1.10 -3.26
C LEU B 155 -10.61 1.44 -2.04
N GLY B 156 -11.66 0.67 -1.77
CA GLY B 156 -12.61 1.00 -0.71
C GLY B 156 -12.00 1.16 0.67
N CYS B 157 -12.27 2.29 1.30
CA CYS B 157 -11.81 2.57 2.65
C CYS B 157 -12.76 3.59 3.27
N GLN B 158 -12.36 4.17 4.41
CA GLN B 158 -13.21 5.13 5.09
C GLN B 158 -13.31 6.44 4.32
N ARG B 159 -12.20 6.90 3.75
CA ARG B 159 -12.22 8.13 2.95
C ARG B 159 -12.90 7.93 1.60
N VAL B 160 -12.89 6.71 1.07
CA VAL B 160 -13.57 6.44 -0.19
C VAL B 160 -15.08 6.58 -0.04
N THR B 161 -15.63 6.19 1.12
CA THR B 161 -17.05 6.39 1.35
C THR B 161 -17.42 7.87 1.34
N LEU B 162 -16.60 8.70 1.99
CA LEU B 162 -16.83 10.13 1.99
C LEU B 162 -16.69 10.71 0.60
N HIS B 163 -15.72 10.23 -0.17
CA HIS B 163 -15.57 10.69 -1.55
C HIS B 163 -16.78 10.31 -2.39
N LYS B 164 -17.32 9.10 -2.19
CA LYS B 164 -18.49 8.67 -2.93
C LYS B 164 -19.70 9.53 -2.57
N ASN B 165 -19.89 9.85 -1.30
CA ASN B 165 -20.96 10.75 -0.90
C ASN B 165 -20.78 12.13 -1.51
N MET B 166 -19.54 12.64 -1.49
CA MET B 166 -19.23 13.91 -2.15
C MET B 166 -19.63 13.89 -3.61
N PHE B 167 -19.24 12.84 -4.33
CA PHE B 167 -19.49 12.79 -5.76
C PHE B 167 -20.97 12.64 -6.07
N LEU B 168 -21.69 11.83 -5.29
CA LEU B 168 -23.13 11.70 -5.47
C LEU B 168 -23.84 13.03 -5.23
N THR B 169 -23.45 13.74 -4.16
CA THR B 169 -24.06 15.03 -3.88
C THR B 169 -23.76 16.03 -4.98
N TYR B 170 -22.52 16.03 -5.48
CA TYR B 170 -22.16 16.92 -6.59
C TYR B 170 -22.98 16.62 -7.82
N ILE B 171 -23.16 15.34 -8.16
CA ILE B 171 -23.93 14.97 -9.33
C ILE B 171 -25.38 15.42 -9.18
N LEU B 172 -25.96 15.16 -8.01
CA LEU B 172 -27.36 15.55 -7.79
C LEU B 172 -27.52 17.07 -7.88
N ASN B 173 -26.62 17.82 -7.25
CA ASN B 173 -26.72 19.28 -7.29
C ASN B 173 -26.55 19.82 -8.70
N SER B 174 -25.58 19.29 -9.44
CA SER B 174 -25.36 19.75 -10.81
C SER B 174 -26.55 19.43 -11.70
N MET B 175 -27.12 18.22 -11.58
CA MET B 175 -28.29 17.87 -12.37
C MET B 175 -29.47 18.78 -12.04
N ILE B 176 -29.69 19.03 -10.74
CA ILE B 176 -30.81 19.89 -10.34
C ILE B 176 -30.61 21.30 -10.85
N ILE B 177 -29.38 21.84 -10.77
CA ILE B 177 -29.12 23.18 -11.24
C ILE B 177 -29.31 23.27 -12.75
N ILE B 178 -28.85 22.26 -13.48
CA ILE B 178 -29.04 22.25 -14.94
C ILE B 178 -30.52 22.23 -15.28
N ILE B 179 -31.30 21.39 -14.59
CA ILE B 179 -32.73 21.32 -14.84
C ILE B 179 -33.38 22.67 -14.55
N HIS B 180 -33.01 23.30 -13.44
CA HIS B 180 -33.56 24.60 -13.08
C HIS B 180 -33.26 25.64 -14.16
N LEU B 181 -31.99 25.77 -14.54
CA LEU B 181 -31.59 26.78 -15.51
C LEU B 181 -32.14 26.51 -16.91
N VAL B 182 -32.43 25.25 -17.25
CA VAL B 182 -32.92 24.92 -18.57
C VAL B 182 -34.44 25.02 -18.68
N GLU B 183 -35.14 24.66 -17.63
CA GLU B 183 -36.61 24.47 -17.75
C GLU B 183 -37.35 25.54 -16.94
N VAL B 184 -37.14 25.62 -15.62
CA VAL B 184 -37.93 26.55 -14.79
C VAL B 184 -37.65 28.01 -15.13
N VAL B 185 -36.39 28.42 -15.27
CA VAL B 185 -36.10 29.88 -15.44
C VAL B 185 -36.68 30.45 -16.74
N PRO B 186 -36.47 29.82 -17.92
CA PRO B 186 -36.99 30.36 -19.16
C PRO B 186 -38.52 30.40 -19.23
N ASN B 187 -39.20 29.41 -18.66
CA ASN B 187 -40.68 29.33 -18.84
C ASN B 187 -41.38 30.39 -18.01
N GLY B 188 -41.99 31.38 -18.68
CA GLY B 188 -42.77 32.41 -17.99
C GLY B 188 -44.03 31.81 -17.39
N GLU B 189 -44.68 30.90 -18.10
CA GLU B 189 -45.99 30.37 -17.65
C GLU B 189 -45.85 29.65 -16.31
N LEU B 190 -44.81 28.86 -16.10
CA LEU B 190 -44.75 28.07 -14.85
C LEU B 190 -44.72 29.05 -13.70
N VAL B 191 -43.98 30.14 -13.85
CA VAL B 191 -43.98 31.18 -12.78
C VAL B 191 -45.28 32.01 -12.84
N ARG B 192 -46.09 31.89 -13.91
CA ARG B 192 -47.40 32.51 -13.90
C ARG B 192 -48.48 31.56 -13.37
N ARG B 193 -48.31 30.25 -13.62
CA ARG B 193 -49.32 29.28 -13.18
C ARG B 193 -49.30 29.06 -11.68
N ASP B 194 -48.19 29.36 -11.01
CA ASP B 194 -48.00 29.15 -9.57
C ASP B 194 -48.26 27.70 -9.18
N PRO B 195 -47.44 26.76 -9.61
CA PRO B 195 -47.65 25.36 -9.25
C PRO B 195 -46.89 24.96 -7.99
N VAL B 196 -47.46 23.97 -7.28
CA VAL B 196 -46.80 23.41 -6.11
C VAL B 196 -45.56 22.63 -6.52
N SER B 197 -45.57 22.01 -7.70
CA SER B 197 -44.44 21.20 -8.14
C SER B 197 -43.18 22.04 -8.29
N CYS B 198 -43.32 23.25 -8.85
CA CYS B 198 -42.16 24.13 -8.98
C CYS B 198 -41.61 24.54 -7.62
N LYS B 199 -42.51 24.82 -6.66
CA LYS B 199 -42.06 25.18 -5.32
C LYS B 199 -41.31 24.04 -4.67
N ILE B 200 -41.82 22.81 -4.80
CA ILE B 200 -41.13 21.67 -4.18
C ILE B 200 -39.83 21.37 -4.90
N LEU B 201 -39.76 21.60 -6.21
CA LEU B 201 -38.51 21.41 -6.93
C LEU B 201 -37.46 22.41 -6.47
N HIS B 202 -37.84 23.68 -6.28
CA HIS B 202 -36.89 24.65 -5.78
C HIS B 202 -36.49 24.36 -4.35
N PHE B 203 -37.42 23.83 -3.54
CA PHE B 203 -37.05 23.42 -2.19
C PHE B 203 -36.03 22.30 -2.22
N PHE B 204 -36.20 21.33 -3.13
CA PHE B 204 -35.21 20.27 -3.28
C PHE B 204 -33.88 20.83 -3.75
N HIS B 205 -33.91 21.82 -4.63
CA HIS B 205 -32.68 22.47 -5.09
C HIS B 205 -31.94 23.10 -3.92
N GLN B 206 -32.65 23.85 -3.08
CA GLN B 206 -32.02 24.47 -1.92
C GLN B 206 -31.49 23.43 -0.95
N TYR B 207 -32.24 22.35 -0.76
CA TYR B 207 -31.79 21.28 0.13
C TYR B 207 -30.52 20.64 -0.38
N MET B 208 -30.43 20.38 -1.68
CA MET B 208 -29.23 19.78 -2.25
C MET B 208 -28.04 20.73 -2.16
N MET B 209 -28.28 22.03 -2.37
CA MET B 209 -27.20 23.01 -2.23
C MET B 209 -26.66 23.03 -0.80
N ALA B 210 -27.57 23.04 0.18
CA ALA B 210 -27.14 23.01 1.58
C ALA B 210 -26.41 21.72 1.91
N CYS B 211 -26.89 20.59 1.38
CA CYS B 211 -26.23 19.32 1.61
C CYS B 211 -24.81 19.32 1.05
N ASN B 212 -24.63 19.90 -0.14
CA ASN B 212 -23.29 19.99 -0.70
C ASN B 212 -22.39 20.85 0.16
N TYR B 213 -22.87 22.05 0.54
CA TYR B 213 -22.02 22.95 1.31
C TYR B 213 -21.79 22.46 2.74
N PHE B 214 -22.57 21.50 3.23
CA PHE B 214 -22.28 20.91 4.53
C PHE B 214 -21.44 19.64 4.42
N TRP B 215 -21.57 18.90 3.33
CA TRP B 215 -20.67 17.77 3.09
C TRP B 215 -19.25 18.24 2.85
N MET B 216 -19.09 19.45 2.30
CA MET B 216 -17.76 20.04 2.22
C MET B 216 -17.15 20.20 3.62
N LEU B 217 -17.93 20.72 4.56
CA LEU B 217 -17.48 20.85 5.93
C LEU B 217 -17.19 19.48 6.55
N CYS B 218 -18.02 18.49 6.23
CA CYS B 218 -17.78 17.14 6.74
C CYS B 218 -16.44 16.60 6.27
N GLU B 219 -16.12 16.80 4.98
CA GLU B 219 -14.83 16.37 4.46
C GLU B 219 -13.69 17.12 5.13
N GLY B 220 -13.86 18.42 5.35
CA GLY B 220 -12.84 19.19 6.06
C GLY B 220 -12.61 18.69 7.47
N ILE B 221 -13.69 18.37 8.17
CA ILE B 221 -13.58 17.83 9.53
C ILE B 221 -12.88 16.49 9.52
N TYR B 222 -13.19 15.64 8.53
CA TYR B 222 -12.49 14.36 8.42
C TYR B 222 -11.01 14.56 8.21
N LEU B 223 -10.62 15.50 7.34
CA LEU B 223 -9.21 15.79 7.12
C LEU B 223 -8.53 16.25 8.40
N HIS B 224 -9.16 17.20 9.10
CA HIS B 224 -8.55 17.71 10.32
C HIS B 224 -8.41 16.63 11.38
N THR B 225 -9.43 15.79 11.54
CA THR B 225 -9.36 14.72 12.53
C THR B 225 -8.27 13.71 12.16
N LEU B 226 -8.19 13.34 10.88
CA LEU B 226 -7.20 12.37 10.45
C LEU B 226 -5.78 12.88 10.64
N ILE B 227 -5.56 14.17 10.37
CA ILE B 227 -4.19 14.70 10.35
C ILE B 227 -3.80 15.35 11.66
N VAL B 228 -4.65 16.26 12.16
CA VAL B 228 -4.18 17.20 13.19
C VAL B 228 -4.42 16.65 14.59
N VAL B 229 -5.68 16.38 14.93
CA VAL B 229 -6.04 16.13 16.33
C VAL B 229 -5.94 14.66 16.70
N ALA B 230 -6.51 13.77 15.89
CA ALA B 230 -6.53 12.34 16.19
C ALA B 230 -5.75 11.60 15.08
N VAL B 231 -4.43 11.56 15.25
CA VAL B 231 -3.57 10.94 14.23
C VAL B 231 -3.73 9.42 14.23
N PHE B 232 -3.79 8.81 15.40
CA PHE B 232 -3.67 7.35 15.48
C PHE B 232 -4.87 6.68 14.82
N THR B 233 -4.63 5.47 14.32
CA THR B 233 -5.61 4.76 13.50
C THR B 233 -6.74 4.23 14.37
N GLU B 234 -7.53 5.18 14.89
CA GLU B 234 -8.75 4.87 15.62
C GLU B 234 -9.92 4.93 14.67
N LYS B 235 -10.74 3.88 14.68
CA LYS B 235 -11.84 3.78 13.72
C LYS B 235 -12.81 4.93 13.89
N GLN B 236 -13.16 5.57 12.78
CA GLN B 236 -14.11 6.67 12.80
C GLN B 236 -15.54 6.14 12.92
N ARG B 237 -16.41 6.97 13.49
CA ARG B 237 -17.84 6.69 13.55
C ARG B 237 -18.52 7.54 12.48
N LEU B 238 -18.94 6.89 11.40
CA LEU B 238 -19.51 7.58 10.24
C LEU B 238 -21.02 7.72 10.35
N ARG B 239 -21.56 7.72 11.56
CA ARG B 239 -22.98 7.98 11.73
C ARG B 239 -23.25 9.48 11.87
N TRP B 240 -22.51 10.15 12.75
CA TRP B 240 -22.60 11.60 12.85
C TRP B 240 -22.21 12.27 11.55
N TYR B 241 -21.29 11.66 10.78
CA TYR B 241 -20.87 12.27 9.54
C TYR B 241 -21.99 12.26 8.51
N TYR B 242 -22.66 11.11 8.34
CA TYR B 242 -23.84 11.06 7.49
C TYR B 242 -24.94 11.98 7.99
N LEU B 243 -25.13 12.04 9.32
CA LEU B 243 -26.15 12.93 9.87
C LEU B 243 -25.88 14.37 9.47
N LEU B 244 -24.67 14.87 9.72
CA LEU B 244 -24.34 16.25 9.36
C LEU B 244 -24.40 16.46 7.84
N GLY B 245 -24.01 15.46 7.06
CA GLY B 245 -24.01 15.61 5.62
C GLY B 245 -25.41 15.75 5.05
N TRP B 246 -26.35 14.93 5.52
CA TRP B 246 -27.67 14.85 4.91
C TRP B 246 -28.79 15.41 5.78
N GLY B 247 -28.94 14.90 7.01
CA GLY B 247 -30.09 15.27 7.81
C GLY B 247 -30.06 16.72 8.27
N PHE B 248 -28.89 17.19 8.70
CA PHE B 248 -28.77 18.54 9.25
C PHE B 248 -29.12 19.63 8.24
N PRO B 249 -28.67 19.55 6.97
CA PRO B 249 -29.05 20.61 6.02
C PRO B 249 -30.55 20.75 5.83
N LEU B 250 -31.34 19.76 6.22
CA LEU B 250 -32.79 19.88 6.13
C LEU B 250 -33.31 21.01 7.03
N VAL B 251 -32.75 21.14 8.23
CA VAL B 251 -33.28 22.13 9.18
C VAL B 251 -33.24 23.55 8.63
N PRO B 252 -32.13 24.06 8.08
CA PRO B 252 -32.18 25.42 7.51
C PRO B 252 -33.18 25.57 6.38
N THR B 253 -33.38 24.51 5.59
CA THR B 253 -34.32 24.59 4.46
C THR B 253 -35.75 24.71 4.96
N THR B 254 -36.15 23.86 5.91
CA THR B 254 -37.52 23.92 6.44
C THR B 254 -37.75 25.21 7.22
N ILE B 255 -36.76 25.63 8.01
CA ILE B 255 -36.88 26.83 8.82
C ILE B 255 -37.08 28.03 7.90
N HIS B 256 -36.29 28.08 6.82
CA HIS B 256 -36.41 29.12 5.82
C HIS B 256 -37.74 29.07 5.07
N ALA B 257 -38.20 27.87 4.70
CA ALA B 257 -39.44 27.75 3.94
C ALA B 257 -40.64 28.18 4.76
N ILE B 258 -40.65 27.85 6.05
CA ILE B 258 -41.78 28.21 6.89
C ILE B 258 -41.93 29.72 6.96
N THR B 259 -40.83 30.43 7.25
CA THR B 259 -40.91 31.88 7.35
C THR B 259 -41.10 32.54 5.99
N ARG B 260 -40.65 31.90 4.91
CA ARG B 260 -40.94 32.41 3.57
C ARG B 260 -42.43 32.35 3.28
N ALA B 261 -43.05 31.21 3.61
CA ALA B 261 -44.49 31.07 3.37
C ALA B 261 -45.28 32.04 4.23
N VAL B 262 -44.90 32.18 5.51
CA VAL B 262 -45.67 33.05 6.40
C VAL B 262 -45.47 34.52 6.05
N TYR B 263 -44.24 34.93 5.77
CA TYR B 263 -43.89 36.34 5.66
C TYR B 263 -43.78 36.84 4.22
N PHE B 264 -42.94 36.19 3.40
CA PHE B 264 -42.54 36.73 2.11
C PHE B 264 -42.85 35.70 1.03
N ASN B 265 -44.09 35.21 1.04
CA ASN B 265 -44.54 34.28 0.02
C ASN B 265 -44.45 34.94 -1.36
N ASP B 266 -43.77 34.28 -2.29
CA ASP B 266 -43.55 34.81 -3.63
C ASP B 266 -43.91 33.76 -4.67
N ASN B 267 -43.72 34.13 -5.94
CA ASN B 267 -44.01 33.24 -7.04
C ASN B 267 -42.90 32.20 -7.21
N CYS B 268 -43.20 30.94 -6.87
CA CYS B 268 -42.27 29.82 -6.97
C CYS B 268 -41.04 29.99 -6.07
N TRP B 269 -41.09 30.96 -5.15
CA TRP B 269 -40.01 31.19 -4.19
C TRP B 269 -38.68 31.48 -4.90
N LEU B 270 -38.74 31.93 -6.15
CA LEU B 270 -37.52 32.14 -6.92
C LEU B 270 -36.87 33.48 -6.60
N SER B 271 -37.59 34.36 -5.89
CA SER B 271 -37.06 35.69 -5.62
C SER B 271 -35.81 35.63 -4.75
N VAL B 272 -34.83 36.47 -5.07
CA VAL B 272 -33.58 36.55 -4.33
C VAL B 272 -33.48 37.88 -3.60
N GLU B 273 -34.44 38.78 -3.80
CA GLU B 273 -34.39 40.11 -3.20
C GLU B 273 -34.52 40.05 -1.68
N THR B 274 -35.20 39.04 -1.15
CA THR B 274 -35.46 38.96 0.27
C THR B 274 -34.18 38.67 1.05
N HIS B 275 -34.20 39.00 2.34
CA HIS B 275 -33.11 38.70 3.24
C HIS B 275 -33.29 37.36 3.96
N LEU B 276 -34.38 36.63 3.67
CA LEU B 276 -34.61 35.35 4.30
C LEU B 276 -33.74 34.23 3.73
N LEU B 277 -33.08 34.47 2.59
CA LEU B 277 -32.13 33.49 2.07
C LEU B 277 -30.91 33.36 2.97
N TYR B 278 -30.67 34.35 3.83
CA TYR B 278 -29.59 34.23 4.80
C TYR B 278 -29.82 33.10 5.80
N ILE B 279 -31.06 32.66 5.97
CA ILE B 279 -31.32 31.51 6.84
C ILE B 279 -30.56 30.29 6.35
N ILE B 280 -30.50 30.10 5.03
CA ILE B 280 -29.71 29.01 4.45
C ILE B 280 -28.27 29.40 4.18
N HIS B 281 -27.99 30.67 3.90
CA HIS B 281 -26.65 31.10 3.51
C HIS B 281 -25.76 31.48 4.70
N GLY B 282 -26.28 31.42 5.93
CA GLY B 282 -25.49 31.73 7.10
C GLY B 282 -24.72 30.53 7.62
N PRO B 283 -25.43 29.45 7.95
CA PRO B 283 -24.73 28.22 8.36
C PRO B 283 -23.76 27.71 7.30
N VAL B 284 -24.08 27.88 6.02
CA VAL B 284 -23.16 27.49 4.95
C VAL B 284 -21.87 28.32 5.04
N MET B 285 -22.01 29.63 5.23
CA MET B 285 -20.84 30.48 5.36
C MET B 285 -20.02 30.12 6.58
N ALA B 286 -20.68 29.82 7.70
CA ALA B 286 -19.96 29.43 8.91
C ALA B 286 -19.20 28.12 8.68
N ALA B 287 -19.83 27.15 8.02
CA ALA B 287 -19.15 25.90 7.72
C ALA B 287 -17.96 26.12 6.82
N LEU B 288 -18.10 26.99 5.82
CA LEU B 288 -16.98 27.26 4.92
C LEU B 288 -15.84 28.00 5.62
N VAL B 289 -16.16 28.88 6.57
CA VAL B 289 -15.12 29.53 7.35
C VAL B 289 -14.39 28.52 8.23
N VAL B 290 -15.14 27.59 8.84
CA VAL B 290 -14.51 26.53 9.61
C VAL B 290 -13.61 25.68 8.73
N ASN B 291 -14.05 25.40 7.50
CA ASN B 291 -13.21 24.67 6.55
C ASN B 291 -11.94 25.45 6.22
N PHE B 292 -12.06 26.77 6.09
CA PHE B 292 -10.87 27.60 5.85
C PHE B 292 -9.88 27.51 7.00
N PHE B 293 -10.39 27.55 8.24
CA PHE B 293 -9.51 27.41 9.40
C PHE B 293 -8.85 26.04 9.43
N PHE B 294 -9.61 24.99 9.10
CA PHE B 294 -9.04 23.65 9.05
C PHE B 294 -7.97 23.54 7.99
N LEU B 295 -8.19 24.15 6.83
CA LEU B 295 -7.17 24.16 5.78
C LEU B 295 -5.92 24.88 6.24
N LEU B 296 -6.07 26.01 6.90
CA LEU B 296 -4.91 26.74 7.40
C LEU B 296 -4.12 25.91 8.40
N ASN B 297 -4.82 25.24 9.32
CA ASN B 297 -4.15 24.38 10.29
C ASN B 297 -3.44 23.19 9.65
N ILE B 298 -4.08 22.54 8.66
CA ILE B 298 -3.44 21.42 7.98
C ILE B 298 -2.22 21.88 7.20
N VAL B 299 -2.30 23.06 6.57
CA VAL B 299 -1.15 23.60 5.86
C VAL B 299 -0.01 23.90 6.83
N ARG B 300 -0.34 24.45 8.01
CA ARG B 300 0.67 24.71 9.02
C ARG B 300 1.34 23.42 9.47
N VAL B 301 0.54 22.36 9.69
CA VAL B 301 1.09 21.08 10.13
C VAL B 301 2.00 20.50 9.05
N LEU B 302 1.57 20.57 7.79
CA LEU B 302 2.39 20.06 6.69
C LEU B 302 3.69 20.84 6.57
N VAL B 303 3.62 22.16 6.74
CA VAL B 303 4.83 22.99 6.66
C VAL B 303 5.78 22.64 7.79
N THR B 304 5.26 22.45 9.00
CA THR B 304 6.11 22.07 10.13
C THR B 304 6.76 20.71 9.88
N LYS B 305 5.99 19.74 9.37
CA LYS B 305 6.54 18.41 9.11
C LYS B 305 7.64 18.48 8.07
N MET B 306 7.43 19.26 7.00
CA MET B 306 8.42 19.35 5.95
C MET B 306 9.61 20.20 6.37
N ARG B 307 9.43 21.04 7.41
CA ARG B 307 10.55 21.77 7.98
C ARG B 307 11.38 20.88 8.90
N GLU B 308 10.74 19.89 9.56
CA GLU B 308 11.48 18.98 10.42
C GLU B 308 12.55 18.20 9.67
N THR B 309 12.37 18.01 8.37
CA THR B 309 13.39 17.43 7.51
C THR B 309 14.06 18.53 6.71
N HIS B 310 15.38 18.47 6.61
CA HIS B 310 16.15 19.49 5.90
C HIS B 310 15.87 19.37 4.41
N GLU B 311 15.01 20.24 3.89
CA GLU B 311 14.58 20.20 2.50
C GLU B 311 14.80 21.56 1.86
N ALA B 312 14.86 21.56 0.52
CA ALA B 312 15.04 22.79 -0.22
C ALA B 312 13.86 23.74 0.00
N GLU B 313 14.17 25.04 0.13
CA GLU B 313 13.13 26.03 0.37
C GLU B 313 12.18 26.14 -0.81
N SER B 314 12.73 26.17 -2.03
CA SER B 314 11.88 26.29 -3.22
C SER B 314 10.94 25.09 -3.36
N HIS B 315 11.47 23.88 -3.17
CA HIS B 315 10.64 22.69 -3.25
C HIS B 315 9.59 22.68 -2.15
N MET B 316 9.96 23.12 -0.95
CA MET B 316 8.99 23.19 0.14
C MET B 316 7.86 24.17 -0.17
N TYR B 317 8.19 25.34 -0.70
CA TYR B 317 7.16 26.31 -1.06
C TYR B 317 6.28 25.78 -2.18
N LEU B 318 6.88 25.11 -3.17
CA LEU B 318 6.08 24.53 -4.25
C LEU B 318 5.13 23.47 -3.73
N LYS B 319 5.61 22.61 -2.82
CA LYS B 319 4.76 21.58 -2.24
C LYS B 319 3.61 22.18 -1.45
N ALA B 320 3.90 23.21 -0.66
CA ALA B 320 2.84 23.87 0.12
C ALA B 320 1.81 24.51 -0.80
N VAL B 321 2.26 25.19 -1.86
CA VAL B 321 1.35 25.82 -2.79
C VAL B 321 0.49 24.77 -3.49
N LYS B 322 1.09 23.67 -3.91
CA LYS B 322 0.32 22.60 -4.56
C LYS B 322 -0.70 22.00 -3.60
N ALA B 323 -0.32 21.80 -2.35
CA ALA B 323 -1.26 21.25 -1.37
C ALA B 323 -2.44 22.17 -1.17
N THR B 324 -2.18 23.47 -1.03
CA THR B 324 -3.27 24.43 -0.87
C THR B 324 -4.16 24.46 -2.12
N MET B 325 -3.53 24.41 -3.30
CA MET B 325 -4.30 24.46 -4.55
C MET B 325 -5.20 23.24 -4.70
N ILE B 326 -4.71 22.06 -4.33
CA ILE B 326 -5.54 20.86 -4.45
C ILE B 326 -6.52 20.71 -3.30
N LEU B 327 -6.30 21.41 -2.17
CA LEU B 327 -7.26 21.35 -1.08
C LEU B 327 -8.34 22.41 -1.17
N VAL B 328 -8.14 23.46 -1.96
CA VAL B 328 -9.18 24.49 -2.12
C VAL B 328 -10.47 23.93 -2.70
N PRO B 329 -10.46 23.20 -3.83
CA PRO B 329 -11.73 22.69 -4.36
C PRO B 329 -12.44 21.71 -3.44
N LEU B 330 -11.71 20.89 -2.69
CA LEU B 330 -12.33 19.90 -1.83
C LEU B 330 -13.07 20.56 -0.67
N LEU B 331 -12.47 21.59 -0.08
CA LEU B 331 -13.03 22.25 1.10
C LEU B 331 -13.89 23.46 0.76
N GLY B 332 -14.02 23.80 -0.52
CA GLY B 332 -14.82 24.95 -0.90
C GLY B 332 -14.29 26.26 -0.37
N ILE B 333 -12.98 26.46 -0.43
CA ILE B 333 -12.35 27.65 0.14
C ILE B 333 -12.60 28.90 -0.71
N GLN B 334 -12.87 28.73 -2.00
CA GLN B 334 -13.00 29.88 -2.88
C GLN B 334 -14.16 30.79 -2.46
N PHE B 335 -15.18 30.22 -1.81
CA PHE B 335 -16.29 31.05 -1.34
C PHE B 335 -15.84 32.02 -0.26
N VAL B 336 -15.03 31.56 0.69
CA VAL B 336 -14.59 32.42 1.78
C VAL B 336 -13.60 33.47 1.29
N VAL B 337 -12.65 33.07 0.44
CA VAL B 337 -11.56 33.96 0.05
C VAL B 337 -12.09 35.14 -0.77
N PHE B 338 -13.09 34.89 -1.62
CA PHE B 338 -13.74 35.94 -2.40
C PHE B 338 -15.17 36.10 -1.89
N PRO B 339 -15.36 36.78 -0.76
CA PRO B 339 -16.72 36.87 -0.20
C PRO B 339 -17.63 37.82 -0.96
N TRP B 340 -17.14 39.00 -1.34
CA TRP B 340 -17.97 40.03 -1.96
C TRP B 340 -17.40 40.42 -3.31
N ARG B 341 -18.13 41.28 -4.01
CA ARG B 341 -17.76 41.75 -5.34
C ARG B 341 -17.46 43.24 -5.33
N PRO B 342 -16.58 43.70 -6.21
CA PRO B 342 -16.24 45.12 -6.27
C PRO B 342 -17.14 45.90 -7.24
N SER B 343 -17.06 47.23 -7.12
CA SER B 343 -17.92 48.10 -7.90
C SER B 343 -17.38 48.44 -9.27
N ASN B 344 -16.09 48.20 -9.53
CA ASN B 344 -15.51 48.54 -10.82
C ASN B 344 -16.10 47.64 -11.90
N LYS B 345 -16.36 48.24 -13.07
CA LYS B 345 -17.00 47.50 -14.15
C LYS B 345 -16.09 46.40 -14.70
N MET B 346 -14.85 46.75 -15.04
CA MET B 346 -13.93 45.76 -15.62
C MET B 346 -13.51 44.74 -14.58
N LEU B 347 -13.11 45.21 -13.39
CA LEU B 347 -12.73 44.29 -12.32
C LEU B 347 -13.94 43.50 -11.83
N GLY B 348 -15.13 44.11 -11.88
CA GLY B 348 -16.35 43.36 -11.55
C GLY B 348 -16.62 42.24 -12.55
N LYS B 349 -16.40 42.51 -13.84
CA LYS B 349 -16.52 41.45 -14.84
C LYS B 349 -15.50 40.35 -14.58
N ILE B 350 -14.27 40.73 -14.21
CA ILE B 350 -13.25 39.74 -13.87
C ILE B 350 -13.71 38.88 -12.70
N TYR B 351 -14.26 39.51 -11.67
CA TYR B 351 -14.73 38.76 -10.50
C TYR B 351 -15.86 37.82 -10.87
N ASP B 352 -16.82 38.29 -11.66
CA ASP B 352 -17.94 37.45 -12.06
C ASP B 352 -17.47 36.24 -12.86
N TYR B 353 -16.59 36.47 -13.83
CA TYR B 353 -16.09 35.37 -14.65
C TYR B 353 -15.29 34.38 -13.83
N VAL B 354 -14.44 34.87 -12.93
CA VAL B 354 -13.63 33.96 -12.11
C VAL B 354 -14.52 33.14 -11.19
N MET B 355 -15.51 33.79 -10.56
CA MET B 355 -16.39 33.09 -9.63
C MET B 355 -17.22 32.04 -10.34
N HIS B 356 -17.77 32.37 -11.52
CA HIS B 356 -18.59 31.41 -12.23
C HIS B 356 -17.77 30.40 -13.02
N SER B 357 -16.46 30.59 -13.11
CA SER B 357 -15.59 29.54 -13.62
C SER B 357 -15.11 28.61 -12.51
N LEU B 358 -15.04 29.11 -11.27
CA LEU B 358 -14.61 28.26 -10.17
C LEU B 358 -15.78 27.44 -9.60
N ILE B 359 -16.93 28.09 -9.37
CA ILE B 359 -18.04 27.40 -8.73
C ILE B 359 -18.59 26.29 -9.62
N HIS B 360 -18.82 26.60 -10.89
CA HIS B 360 -19.46 25.65 -11.80
C HIS B 360 -18.54 24.54 -12.27
N PHE B 361 -17.23 24.75 -12.21
CA PHE B 361 -16.26 23.72 -12.57
C PHE B 361 -15.65 23.04 -11.34
N GLN B 362 -16.14 23.35 -10.14
CA GLN B 362 -15.52 22.81 -8.94
C GLN B 362 -15.71 21.30 -8.84
N GLY B 363 -16.89 20.80 -9.23
CA GLY B 363 -17.11 19.37 -9.21
C GLY B 363 -16.15 18.63 -10.14
N PHE B 364 -15.95 19.18 -11.35
CA PHE B 364 -15.02 18.57 -12.29
C PHE B 364 -13.60 18.58 -11.73
N PHE B 365 -13.18 19.69 -11.13
CA PHE B 365 -11.84 19.77 -10.55
C PHE B 365 -11.67 18.76 -9.43
N VAL B 366 -12.66 18.65 -8.55
CA VAL B 366 -12.57 17.71 -7.43
C VAL B 366 -12.49 16.28 -7.95
N ALA B 367 -13.37 15.93 -8.90
CA ALA B 367 -13.37 14.58 -9.44
C ALA B 367 -12.04 14.26 -10.11
N THR B 368 -11.54 15.18 -10.93
CA THR B 368 -10.27 14.94 -11.60
C THR B 368 -9.13 14.76 -10.60
N ILE B 369 -9.03 15.66 -9.62
CA ILE B 369 -7.91 15.62 -8.68
C ILE B 369 -7.95 14.35 -7.85
N TYR B 370 -9.14 13.96 -7.37
CA TYR B 370 -9.24 12.87 -6.41
C TYR B 370 -9.58 11.52 -7.02
N CYS B 371 -9.77 11.44 -8.34
CA CYS B 371 -9.91 10.12 -8.94
C CYS B 371 -9.00 9.90 -10.14
N PHE B 372 -8.80 10.92 -10.97
CA PHE B 372 -8.02 10.77 -12.18
C PHE B 372 -6.53 11.01 -11.93
N CYS B 373 -6.19 12.01 -11.13
CA CYS B 373 -4.81 12.28 -10.77
C CYS B 373 -4.34 11.43 -9.59
N ASN B 374 -5.26 10.74 -8.91
CA ASN B 374 -4.89 9.91 -7.78
C ASN B 374 -3.95 8.79 -8.20
N ASN B 375 -3.03 8.43 -7.31
CA ASN B 375 -2.00 7.45 -7.65
C ASN B 375 -2.56 6.03 -7.64
N GLU B 376 -3.09 5.60 -6.49
CA GLU B 376 -3.55 4.21 -6.36
C GLU B 376 -4.67 3.90 -7.33
N VAL B 377 -5.55 4.87 -7.61
CA VAL B 377 -6.61 4.65 -8.59
C VAL B 377 -6.01 4.40 -9.98
N GLN B 378 -5.00 5.18 -10.35
CA GLN B 378 -4.33 4.97 -11.63
C GLN B 378 -3.67 3.60 -11.69
N THR B 379 -2.99 3.21 -10.60
CA THR B 379 -2.32 1.91 -10.59
C THR B 379 -3.33 0.76 -10.71
N THR B 380 -4.45 0.86 -10.00
CA THR B 380 -5.43 -0.22 -10.08
C THR B 380 -6.13 -0.24 -11.44
N VAL B 381 -6.33 0.93 -12.07
CA VAL B 381 -6.93 0.96 -13.40
C VAL B 381 -5.98 0.33 -14.40
N LYS B 382 -4.69 0.67 -14.33
CA LYS B 382 -3.72 0.07 -15.25
C LYS B 382 -3.59 -1.44 -15.01
N ARG B 383 -3.63 -1.86 -13.74
CA ARG B 383 -3.57 -3.29 -13.44
C ARG B 383 -4.78 -4.02 -14.02
N GLN B 384 -5.97 -3.46 -13.87
CA GLN B 384 -7.17 -4.08 -14.43
C GLN B 384 -7.09 -4.14 -15.96
N TRP B 385 -6.59 -3.07 -16.58
CA TRP B 385 -6.43 -3.06 -18.03
C TRP B 385 -5.45 -4.14 -18.49
N ALA B 386 -4.32 -4.27 -17.79
CA ALA B 386 -3.34 -5.28 -18.15
C ALA B 386 -3.91 -6.69 -17.95
N GLN B 387 -4.66 -6.91 -16.87
CA GLN B 387 -5.27 -8.21 -16.65
C GLN B 387 -6.29 -8.53 -17.74
N PHE B 388 -7.09 -7.54 -18.15
CA PHE B 388 -8.06 -7.76 -19.21
C PHE B 388 -7.38 -8.06 -20.53
N LYS B 389 -6.29 -7.35 -20.83
CA LYS B 389 -5.56 -7.61 -22.07
C LYS B 389 -4.92 -9.00 -22.06
N ILE B 390 -4.40 -9.41 -20.90
CA ILE B 390 -3.84 -10.75 -20.78
C ILE B 390 -4.93 -11.80 -20.97
N GLN B 391 -6.11 -11.57 -20.39
CA GLN B 391 -7.21 -12.51 -20.54
C GLN B 391 -7.64 -12.65 -22.00
N TRP B 392 -7.72 -11.55 -22.72
CA TRP B 392 -8.09 -11.58 -24.14
C TRP B 392 -6.85 -11.23 -24.94
N ASP C 11 -32.40 -32.74 1.60
CA ASP C 11 -31.50 -32.49 2.73
C ASP C 11 -30.72 -31.20 2.53
N GLN C 12 -30.88 -30.59 1.35
CA GLN C 12 -30.18 -29.34 1.07
C GLN C 12 -30.68 -28.19 1.94
N ARG C 13 -31.96 -28.19 2.29
CA ARG C 13 -32.50 -27.10 3.10
C ARG C 13 -32.05 -27.20 4.55
N ASN C 14 -32.03 -28.42 5.11
CA ASN C 14 -31.66 -28.58 6.51
C ASN C 14 -30.20 -28.24 6.75
N GLU C 15 -29.30 -28.66 5.85
CA GLU C 15 -27.88 -28.42 6.04
C GLU C 15 -27.55 -26.94 5.94
N GLU C 16 -28.20 -26.22 5.01
CA GLU C 16 -27.87 -24.82 4.79
C GLU C 16 -28.29 -23.97 5.98
N LYS C 17 -29.39 -24.34 6.65
CA LYS C 17 -29.90 -23.53 7.74
C LYS C 17 -28.88 -23.40 8.86
N ALA C 18 -28.22 -24.50 9.22
CA ALA C 18 -27.20 -24.44 10.26
C ALA C 18 -25.93 -23.74 9.77
N GLN C 19 -25.63 -23.86 8.48
CA GLN C 19 -24.41 -23.25 7.93
C GLN C 19 -24.48 -21.73 8.00
N ARG C 20 -25.64 -21.15 7.67
CA ARG C 20 -25.78 -19.70 7.67
C ARG C 20 -25.61 -19.13 9.08
N GLU C 21 -26.19 -19.81 10.09
CA GLU C 21 -26.06 -19.33 11.46
C GLU C 21 -24.62 -19.34 11.91
N ALA C 22 -23.86 -20.39 11.57
CA ALA C 22 -22.45 -20.44 11.91
C ALA C 22 -21.67 -19.33 11.23
N ASN C 23 -21.94 -19.10 9.94
CA ASN C 23 -21.25 -18.03 9.22
C ASN C 23 -21.62 -16.65 9.77
N LYS C 24 -22.90 -16.43 10.09
CA LYS C 24 -23.31 -15.16 10.64
C LYS C 24 -22.72 -14.94 12.04
N LYS C 25 -22.66 -15.99 12.85
CA LYS C 25 -22.06 -15.89 14.17
C LYS C 25 -20.57 -15.61 14.08
N ILE C 26 -19.89 -16.25 13.12
CA ILE C 26 -18.45 -16.02 12.94
C ILE C 26 -18.20 -14.60 12.44
N GLU C 27 -19.05 -14.11 11.54
CA GLU C 27 -18.91 -12.74 11.06
C GLU C 27 -19.00 -11.73 12.19
N LYS C 28 -19.93 -11.94 13.12
CA LYS C 28 -20.04 -11.05 14.28
C LYS C 28 -18.78 -11.11 15.13
N GLN C 29 -18.26 -12.31 15.36
CA GLN C 29 -17.04 -12.45 16.16
C GLN C 29 -15.82 -11.92 15.43
N LEU C 30 -15.74 -12.13 14.11
CA LEU C 30 -14.61 -11.64 13.34
C LEU C 30 -14.59 -10.12 13.28
N GLN C 31 -15.77 -9.50 13.17
CA GLN C 31 -15.84 -8.04 13.11
C GLN C 31 -15.41 -7.42 14.44
N LYS C 32 -15.76 -8.05 15.56
CA LYS C 32 -15.34 -7.53 16.86
C LYS C 32 -13.83 -7.54 17.01
N ASP C 33 -13.18 -8.62 16.56
CA ASP C 33 -11.72 -8.69 16.64
C ASP C 33 -11.04 -7.83 15.59
N LYS C 34 -11.74 -7.43 14.54
CA LYS C 34 -11.17 -6.51 13.56
C LYS C 34 -10.98 -5.12 14.17
N GLN C 35 -11.88 -4.69 15.06
CA GLN C 35 -11.73 -3.41 15.71
C GLN C 35 -10.48 -3.38 16.58
N VAL C 36 -10.21 -4.46 17.31
CA VAL C 36 -9.04 -4.51 18.19
C VAL C 36 -7.75 -4.56 17.38
N TYR C 37 -7.74 -5.34 16.30
CA TYR C 37 -6.53 -5.49 15.51
C TYR C 37 -6.09 -4.17 14.89
N ARG C 38 -7.04 -3.39 14.39
CA ARG C 38 -6.72 -2.10 13.79
C ARG C 38 -6.35 -1.06 14.84
N ALA C 39 -6.76 -1.25 16.09
CA ALA C 39 -6.44 -0.29 17.14
C ALA C 39 -4.98 -0.40 17.58
N THR C 40 -4.47 -1.62 17.72
CA THR C 40 -3.11 -1.82 18.20
C THR C 40 -2.09 -1.56 17.10
N HIS C 41 -0.92 -1.08 17.51
CA HIS C 41 0.21 -0.85 16.62
C HIS C 41 1.29 -1.87 16.89
N ARG C 42 1.71 -2.57 15.85
CA ARG C 42 2.72 -3.63 15.98
C ARG C 42 4.10 -3.06 15.75
N LEU C 43 5.03 -3.37 16.65
CA LEU C 43 6.41 -2.93 16.56
C LEU C 43 7.34 -4.13 16.61
N LEU C 44 8.46 -4.03 15.92
CA LEU C 44 9.48 -5.09 15.89
C LEU C 44 10.75 -4.55 16.53
N LEU C 45 11.10 -5.10 17.69
CA LEU C 45 12.34 -4.72 18.38
C LEU C 45 13.47 -5.58 17.84
N LEU C 46 14.41 -4.96 17.14
CA LEU C 46 15.52 -5.68 16.53
C LEU C 46 16.83 -5.00 16.93
N GLY C 47 17.83 -5.83 17.28
CA GLY C 47 19.14 -5.35 17.64
C GLY C 47 20.22 -5.91 16.72
N ALA C 48 21.45 -5.52 17.02
CA ALA C 48 22.62 -5.98 16.27
C ALA C 48 23.27 -7.21 16.89
N GLY C 49 22.70 -7.74 17.97
CA GLY C 49 23.29 -8.88 18.65
C GLY C 49 24.08 -8.46 19.87
N GLU C 50 23.54 -8.72 21.06
CA GLU C 50 24.14 -8.29 22.32
C GLU C 50 24.38 -6.78 22.32
N SER C 51 23.38 -6.04 21.81
CA SER C 51 23.47 -4.59 21.65
C SER C 51 22.73 -3.84 22.75
N GLY C 52 22.36 -4.50 23.84
CA GLY C 52 21.66 -3.85 24.91
C GLY C 52 20.16 -3.75 24.74
N LYS C 53 19.59 -4.40 23.71
CA LYS C 53 18.15 -4.36 23.50
C LYS C 53 17.37 -5.08 24.60
N ASN C 54 18.03 -5.88 25.43
CA ASN C 54 17.33 -6.57 26.50
C ASN C 54 16.77 -5.61 27.53
N THR C 55 17.43 -4.46 27.73
CA THR C 55 16.92 -3.48 28.69
C THR C 55 15.61 -2.86 28.22
N ILE C 56 15.48 -2.62 26.91
CA ILE C 56 14.29 -1.95 26.40
C ILE C 56 13.04 -2.83 26.57
N VAL C 57 13.16 -4.12 26.29
CA VAL C 57 12.00 -5.00 26.37
C VAL C 57 11.55 -5.20 27.81
N LYS C 58 12.51 -5.27 28.74
CA LYS C 58 12.16 -5.55 30.14
C LYS C 58 11.37 -4.40 30.76
N GLN C 59 11.77 -3.16 30.50
CA GLN C 59 11.10 -2.02 31.14
C GLN C 59 9.67 -1.88 30.67
N MET C 60 9.38 -2.29 29.43
CA MET C 60 8.03 -2.24 28.87
C MET C 60 7.45 -0.83 28.88
N THR C 204 11.66 -22.85 23.28
CA THR C 204 10.30 -22.71 23.79
C THR C 204 9.51 -21.71 22.97
N SER C 205 9.79 -20.42 23.17
CA SER C 205 9.13 -19.34 22.46
C SER C 205 10.14 -18.64 21.56
N GLY C 206 9.82 -18.55 20.26
CA GLY C 206 10.69 -17.88 19.32
C GLY C 206 10.48 -16.38 19.24
N ILE C 207 9.32 -15.89 19.66
CA ILE C 207 9.03 -14.47 19.67
C ILE C 207 8.35 -14.12 20.98
N PHE C 208 8.82 -13.07 21.63
CA PHE C 208 8.24 -12.61 22.89
C PHE C 208 7.26 -11.48 22.60
N GLU C 209 6.05 -11.60 23.12
CA GLU C 209 5.00 -10.62 22.90
C GLU C 209 4.97 -9.62 24.05
N THR C 210 4.98 -8.33 23.72
CA THR C 210 4.99 -7.27 24.70
C THR C 210 3.95 -6.22 24.33
N LYS C 211 3.00 -5.96 25.22
CA LYS C 211 1.96 -4.98 25.01
C LYS C 211 1.99 -3.96 26.14
N PHE C 212 2.06 -2.68 25.79
CA PHE C 212 2.07 -1.60 26.76
C PHE C 212 1.10 -0.52 26.33
N GLN C 213 0.56 0.19 27.32
CA GLN C 213 -0.53 1.14 27.14
C GLN C 213 -0.01 2.55 27.39
N VAL C 214 0.07 3.36 26.34
CA VAL C 214 0.59 4.72 26.42
C VAL C 214 -0.46 5.66 25.85
N ASP C 215 -0.96 6.58 26.68
CA ASP C 215 -1.91 7.61 26.26
C ASP C 215 -3.10 7.02 25.53
N LYS C 216 -3.69 5.98 26.13
CA LYS C 216 -4.86 5.29 25.59
C LYS C 216 -4.60 4.76 24.18
N VAL C 217 -3.38 4.28 23.94
CA VAL C 217 -3.00 3.68 22.67
C VAL C 217 -2.34 2.34 22.95
N ASN C 218 -2.77 1.29 22.25
CA ASN C 218 -2.23 -0.04 22.44
C ASN C 218 -1.06 -0.27 21.48
N PHE C 219 0.06 -0.71 22.04
CA PHE C 219 1.25 -1.03 21.27
C PHE C 219 1.55 -2.53 21.42
N HIS C 220 2.30 -3.06 20.47
CA HIS C 220 2.63 -4.49 20.48
C HIS C 220 4.05 -4.65 19.94
N MET C 221 5.01 -4.83 20.85
CA MET C 221 6.41 -4.99 20.50
C MET C 221 6.75 -6.48 20.49
N PHE C 222 7.25 -6.96 19.34
CA PHE C 222 7.63 -8.38 19.16
C PHE C 222 9.15 -8.50 19.01
N ASP C 223 9.81 -9.14 19.98
CA ASP C 223 11.26 -9.40 19.95
C ASP C 223 11.48 -10.86 19.53
N VAL C 224 12.31 -11.10 18.52
CA VAL C 224 12.50 -12.50 18.00
C VAL C 224 13.69 -13.13 18.73
N GLY C 225 13.47 -14.23 19.44
CA GLY C 225 14.54 -14.87 20.22
C GLY C 225 14.71 -16.34 19.87
N ALA C 226 15.97 -16.79 19.66
CA ALA C 226 16.26 -18.22 19.37
C ALA C 226 16.10 -18.52 17.87
N GLN C 227 15.68 -17.54 17.08
CA GLN C 227 15.63 -17.76 15.60
C GLN C 227 17.06 -17.72 15.05
N ARG C 228 17.32 -18.41 13.94
CA ARG C 228 18.71 -18.47 13.41
C ARG C 228 19.16 -17.08 12.94
N ASP C 229 20.47 -16.82 12.94
CA ASP C 229 21.00 -15.49 12.59
C ASP C 229 20.46 -15.04 11.24
N GLU C 230 20.33 -15.97 10.28
CA GLU C 230 19.82 -15.62 8.93
C GLU C 230 18.42 -15.02 9.03
N ARG C 231 18.29 -13.71 8.79
CA ARG C 231 17.03 -12.99 8.80
C ARG C 231 16.45 -12.75 7.42
N ARG C 232 17.05 -13.32 6.38
CA ARG C 232 16.61 -13.03 5.01
C ARG C 232 15.26 -13.67 4.68
N LYS C 233 14.74 -14.55 5.53
CA LYS C 233 13.51 -15.26 5.25
C LYS C 233 12.36 -14.93 6.18
N TRP C 234 12.61 -14.76 7.47
CA TRP C 234 11.53 -14.45 8.41
C TRP C 234 11.35 -12.96 8.62
N ILE C 235 12.12 -12.11 7.93
CA ILE C 235 11.91 -10.67 8.02
C ILE C 235 10.84 -10.17 7.07
N GLN C 236 10.44 -10.99 6.10
CA GLN C 236 9.37 -10.59 5.18
C GLN C 236 8.01 -10.56 5.86
N CYS C 237 7.86 -11.27 6.99
CA CYS C 237 6.60 -11.22 7.73
C CYS C 237 6.37 -9.84 8.32
N PHE C 238 7.44 -9.19 8.78
CA PHE C 238 7.34 -7.88 9.45
C PHE C 238 7.32 -6.74 8.43
N ASN C 239 6.42 -6.83 7.46
CA ASN C 239 6.23 -5.77 6.49
C ASN C 239 4.92 -5.01 6.66
N ASP C 240 4.14 -5.35 7.69
CA ASP C 240 2.93 -4.61 8.03
C ASP C 240 3.02 -3.95 9.40
N VAL C 241 4.16 -4.05 10.07
CA VAL C 241 4.32 -3.40 11.37
C VAL C 241 4.50 -1.90 11.18
N THR C 242 4.19 -1.15 12.23
CA THR C 242 4.28 0.31 12.16
C THR C 242 5.73 0.76 11.99
N ALA C 243 6.65 0.16 12.74
CA ALA C 243 8.05 0.56 12.68
C ALA C 243 8.91 -0.55 13.26
N ILE C 244 10.21 -0.46 12.99
CA ILE C 244 11.21 -1.36 13.56
C ILE C 244 12.04 -0.56 14.55
N ILE C 245 12.01 -0.98 15.82
CA ILE C 245 12.79 -0.31 16.85
C ILE C 245 14.22 -0.84 16.83
N PHE C 246 15.07 -0.21 16.03
CA PHE C 246 16.44 -0.66 15.86
C PHE C 246 17.28 -0.20 17.04
N VAL C 247 17.99 -1.13 17.67
CA VAL C 247 18.90 -0.84 18.77
C VAL C 247 20.31 -1.19 18.30
N VAL C 248 21.20 -0.21 18.31
CA VAL C 248 22.56 -0.36 17.81
C VAL C 248 23.54 -0.09 18.95
N ALA C 249 24.44 -1.04 19.18
CA ALA C 249 25.47 -0.87 20.20
C ALA C 249 26.56 0.07 19.70
N SER C 250 27.09 0.90 20.61
CA SER C 250 28.13 1.84 20.26
C SER C 250 29.42 1.53 21.01
N ASN C 264 34.03 -4.53 12.95
CA ASN C 264 33.64 -4.52 14.36
C ASN C 264 32.13 -4.55 14.52
N ARG C 265 31.65 -4.31 15.73
CA ARG C 265 30.21 -4.32 15.98
C ARG C 265 29.51 -3.14 15.32
N LEU C 266 30.19 -1.99 15.23
CA LEU C 266 29.58 -0.82 14.62
C LEU C 266 29.39 -1.01 13.12
N GLN C 267 30.40 -1.54 12.44
CA GLN C 267 30.30 -1.71 10.98
C GLN C 267 29.22 -2.71 10.61
N ALA C 268 29.11 -3.81 11.36
CA ALA C 268 28.07 -4.80 11.08
C ALA C 268 26.67 -4.27 11.36
N ALA C 269 26.54 -3.24 12.19
CA ALA C 269 25.24 -2.66 12.45
C ALA C 269 24.68 -1.95 11.23
N LEU C 270 25.58 -1.25 10.53
CA LEU C 270 25.21 -0.43 9.37
C LEU C 270 24.79 -1.36 8.24
N LYS C 271 25.49 -2.48 8.05
CA LYS C 271 25.18 -3.38 6.92
C LYS C 271 23.75 -3.94 7.06
N LEU C 272 23.37 -4.38 8.25
CA LEU C 272 22.00 -4.93 8.47
C LEU C 272 20.97 -3.83 8.21
N PHE C 273 21.23 -2.62 8.70
CA PHE C 273 20.28 -1.49 8.50
C PHE C 273 20.14 -1.19 7.01
N ASP C 274 21.25 -1.22 6.25
CA ASP C 274 21.22 -0.95 4.79
C ASP C 274 20.40 -2.05 4.11
N SER C 275 20.56 -3.29 4.55
CA SER C 275 19.87 -4.42 3.89
C SER C 275 18.39 -4.45 4.25
N ILE C 276 18.02 -3.81 5.36
CA ILE C 276 16.59 -3.68 5.77
C ILE C 276 15.95 -2.55 4.96
N TRP C 277 16.64 -1.42 4.84
CA TRP C 277 16.11 -0.24 4.13
C TRP C 277 15.85 -0.59 2.67
N ASN C 278 16.75 -1.32 2.02
CA ASN C 278 16.63 -1.60 0.57
C ASN C 278 15.83 -2.87 0.25
N ASN C 279 15.39 -3.64 1.26
CA ASN C 279 14.57 -4.85 1.01
C ASN C 279 13.24 -4.42 0.39
N LYS C 280 12.76 -5.14 -0.62
CA LYS C 280 11.52 -4.73 -1.34
C LYS C 280 10.31 -4.74 -0.41
N TRP C 281 10.17 -5.78 0.42
CA TRP C 281 9.02 -5.90 1.35
C TRP C 281 9.08 -4.81 2.43
N LEU C 282 10.27 -4.54 2.97
CA LEU C 282 10.43 -3.57 4.09
C LEU C 282 10.86 -2.21 3.54
N ARG C 283 10.52 -1.94 2.27
CA ARG C 283 10.61 -0.58 1.69
C ARG C 283 9.65 0.34 2.45
N ASP C 284 8.36 0.03 2.50
CA ASP C 284 7.37 0.89 3.18
C ASP C 284 7.61 1.01 4.69
N THR C 285 7.99 -0.05 5.39
CA THR C 285 8.13 -0.02 6.88
C THR C 285 9.22 0.96 7.33
N SER C 286 8.90 1.85 8.28
CA SER C 286 9.88 2.84 8.78
C SER C 286 10.76 2.23 9.87
N VAL C 287 11.93 2.81 10.13
CA VAL C 287 12.88 2.21 11.13
C VAL C 287 13.16 3.23 12.21
N ILE C 288 12.73 2.95 13.44
CA ILE C 288 13.10 3.78 14.58
C ILE C 288 14.46 3.30 15.07
N LEU C 289 15.43 4.21 15.12
CA LEU C 289 16.82 3.86 15.38
C LEU C 289 17.25 4.42 16.72
N PHE C 290 17.82 3.55 17.56
CA PHE C 290 18.27 3.92 18.90
C PHE C 290 19.78 3.74 18.98
N LEU C 291 20.48 4.80 19.39
CA LEU C 291 21.92 4.74 19.62
C LEU C 291 22.18 4.52 21.13
N ASN C 292 21.88 3.31 21.57
CA ASN C 292 22.07 2.95 22.96
C ASN C 292 23.56 2.70 23.26
N LYS C 293 23.84 2.38 24.51
CA LYS C 293 25.21 2.11 24.99
C LYS C 293 26.12 3.31 24.73
N GLN C 294 25.59 4.51 24.92
CA GLN C 294 26.40 5.72 24.74
C GLN C 294 27.34 5.96 25.91
N ASP C 295 27.05 5.38 27.07
CA ASP C 295 27.95 5.54 28.22
C ASP C 295 29.30 4.90 27.95
N LEU C 296 29.31 3.70 27.37
CA LEU C 296 30.56 3.06 27.00
C LEU C 296 31.29 3.86 25.93
N LEU C 297 30.54 4.42 24.97
CA LEU C 297 31.16 5.27 23.95
C LEU C 297 31.76 6.51 24.58
N ALA C 298 31.07 7.12 25.55
CA ALA C 298 31.59 8.31 26.20
C ALA C 298 32.87 8.01 26.97
N GLU C 299 32.92 6.89 27.70
CA GLU C 299 34.11 6.54 28.45
C GLU C 299 35.21 5.96 27.57
N LYS C 300 34.89 5.50 26.37
CA LYS C 300 35.90 4.93 25.49
C LYS C 300 36.88 5.99 25.01
N VAL C 301 36.36 7.13 24.57
CA VAL C 301 37.23 8.22 24.08
C VAL C 301 37.97 8.85 25.24
N LEU C 302 37.30 9.03 26.38
CA LEU C 302 37.95 9.68 27.52
C LEU C 302 39.11 8.85 28.05
N ALA C 303 38.91 7.53 28.19
CA ALA C 303 39.98 6.67 28.67
C ALA C 303 41.11 6.56 27.65
N GLY C 304 40.77 6.48 26.37
CA GLY C 304 41.75 6.35 25.31
C GLY C 304 42.22 4.93 25.05
N LYS C 305 41.73 3.94 25.80
CA LYS C 305 42.12 2.56 25.56
C LYS C 305 41.60 2.07 24.22
N SER C 306 40.37 2.44 23.86
CA SER C 306 39.76 2.06 22.60
C SER C 306 39.52 3.30 21.75
N LYS C 307 39.67 3.16 20.44
CA LYS C 307 39.54 4.26 19.51
C LYS C 307 38.66 3.86 18.34
N ILE C 308 38.06 4.87 17.69
CA ILE C 308 37.16 4.62 16.58
C ILE C 308 37.65 5.21 15.27
N GLU C 309 38.51 6.22 15.27
CA GLU C 309 38.94 6.80 14.00
C GLU C 309 39.84 5.85 13.22
N ASP C 310 40.48 4.90 13.92
CA ASP C 310 41.21 3.84 13.22
C ASP C 310 40.27 2.97 12.40
N TYR C 311 39.11 2.63 12.98
CA TYR C 311 38.11 1.87 12.24
C TYR C 311 37.35 2.74 11.26
N PHE C 312 37.07 3.99 11.63
CA PHE C 312 36.32 4.93 10.79
C PHE C 312 37.22 6.13 10.50
N PRO C 313 37.94 6.13 9.38
CA PRO C 313 38.89 7.22 9.11
C PRO C 313 38.26 8.59 8.87
N GLU C 314 36.97 8.67 8.56
CA GLU C 314 36.37 9.99 8.34
C GLU C 314 36.23 10.80 9.62
N PHE C 315 36.36 10.18 10.79
CA PHE C 315 36.08 10.88 12.03
C PHE C 315 37.13 11.92 12.37
N ALA C 316 38.38 11.70 11.98
CA ALA C 316 39.43 12.70 12.25
C ALA C 316 39.15 14.01 11.53
N ARG C 317 38.76 13.93 10.26
CA ARG C 317 38.41 15.12 9.49
C ARG C 317 37.02 15.64 9.84
N TYR C 318 36.16 14.78 10.39
CA TYR C 318 34.78 15.17 10.68
C TYR C 318 34.72 16.29 11.71
N THR C 319 33.75 17.17 11.55
CA THR C 319 33.54 18.29 12.45
C THR C 319 32.13 18.25 13.03
N THR C 320 31.96 18.86 14.19
CA THR C 320 30.67 18.86 14.85
C THR C 320 29.64 19.62 14.01
N PRO C 321 28.45 19.07 13.82
CA PRO C 321 27.42 19.78 13.05
C PRO C 321 26.99 21.08 13.71
N GLU C 322 26.62 22.05 12.87
CA GLU C 322 26.19 23.35 13.38
C GLU C 322 24.88 23.25 14.16
N ASP C 323 23.95 22.42 13.69
CA ASP C 323 22.65 22.31 14.31
C ASP C 323 22.65 21.45 15.58
N ALA C 324 23.79 20.84 15.92
CA ALA C 324 23.86 20.00 17.11
C ALA C 324 23.65 20.84 18.37
N THR C 325 22.89 20.28 19.31
CA THR C 325 22.63 20.96 20.57
C THR C 325 23.53 20.39 21.66
N PRO C 326 24.40 21.18 22.26
CA PRO C 326 25.32 20.65 23.29
C PRO C 326 24.59 20.36 24.59
N GLU C 327 24.58 19.10 24.99
CA GLU C 327 23.93 18.70 26.23
C GLU C 327 24.86 19.06 27.39
N PRO C 328 24.42 19.87 28.36
CA PRO C 328 25.34 20.45 29.33
C PRO C 328 26.02 19.39 30.19
N GLY C 329 27.30 19.61 30.46
CA GLY C 329 28.08 18.68 31.26
C GLY C 329 28.72 17.55 30.47
N GLU C 330 28.68 17.58 29.16
CA GLU C 330 29.29 16.56 28.33
C GLU C 330 30.53 17.11 27.63
N ASP C 331 31.46 16.21 27.31
CA ASP C 331 32.68 16.60 26.63
C ASP C 331 32.35 17.02 25.20
N PRO C 332 32.83 18.18 24.74
CA PRO C 332 32.59 18.55 23.33
C PRO C 332 33.19 17.57 22.34
N ARG C 333 34.26 16.87 22.72
CA ARG C 333 34.87 15.90 21.80
C ARG C 333 33.96 14.70 21.59
N VAL C 334 33.35 14.18 22.65
CA VAL C 334 32.46 13.04 22.50
C VAL C 334 31.15 13.43 21.81
N THR C 335 30.80 14.72 21.82
CA THR C 335 29.63 15.16 21.06
C THR C 335 29.82 14.92 19.57
N ARG C 336 31.03 15.17 19.06
CA ARG C 336 31.32 14.90 17.66
C ARG C 336 31.20 13.41 17.35
N ALA C 337 31.64 12.55 18.26
CA ALA C 337 31.59 11.11 18.03
C ALA C 337 30.14 10.62 17.95
N LYS C 338 29.27 11.09 18.84
CA LYS C 338 27.89 10.64 18.84
C LYS C 338 27.18 11.03 17.56
N TYR C 339 27.35 12.27 17.11
CA TYR C 339 26.68 12.73 15.91
C TYR C 339 27.26 12.09 14.65
N PHE C 340 28.55 11.72 14.69
CA PHE C 340 29.17 11.09 13.52
C PHE C 340 28.50 9.78 13.18
N ILE C 341 28.15 8.98 14.19
CA ILE C 341 27.42 7.74 13.95
C ILE C 341 26.04 8.04 13.38
N ARG C 342 25.41 9.12 13.86
CA ARG C 342 24.07 9.46 13.39
C ARG C 342 24.05 9.76 11.90
N ASP C 343 25.02 10.54 11.42
CA ASP C 343 25.10 10.82 9.99
C ASP C 343 25.53 9.60 9.19
N GLU C 344 26.33 8.70 9.78
CA GLU C 344 26.68 7.47 9.10
C GLU C 344 25.46 6.59 8.87
N PHE C 345 24.57 6.52 9.86
CA PHE C 345 23.32 5.81 9.69
C PHE C 345 22.35 6.56 8.80
N LEU C 346 22.38 7.90 8.84
CA LEU C 346 21.51 8.71 8.00
C LEU C 346 22.02 8.78 6.55
N ARG C 347 23.28 8.44 6.31
CA ARG C 347 23.82 8.48 4.95
C ARG C 347 23.12 7.47 4.06
N ILE C 348 22.97 6.24 4.54
CA ILE C 348 22.25 5.23 3.76
C ILE C 348 20.75 5.51 3.75
N SER C 349 20.21 6.03 4.85
CA SER C 349 18.78 6.28 4.92
C SER C 349 18.34 7.33 3.90
N THR C 350 19.13 8.38 3.73
CA THR C 350 18.78 9.45 2.79
C THR C 350 19.25 9.17 1.37
N ALA C 351 20.20 8.25 1.18
CA ALA C 351 20.69 7.97 -0.17
C ALA C 351 19.65 7.21 -1.00
N SER C 352 19.04 6.18 -0.41
CA SER C 352 18.06 5.35 -1.11
C SER C 352 16.66 5.54 -0.53
N GLY C 353 16.34 6.75 -0.11
CA GLY C 353 15.04 7.03 0.45
C GLY C 353 14.08 7.63 -0.57
N ASP C 354 13.06 6.86 -0.95
CA ASP C 354 12.06 7.33 -1.89
C ASP C 354 10.96 8.14 -1.21
N GLY C 355 11.02 8.28 0.11
CA GLY C 355 9.99 8.97 0.86
C GLY C 355 8.91 8.07 1.44
N ARG C 356 8.80 6.83 0.95
CA ARG C 356 7.76 5.94 1.46
C ARG C 356 8.03 5.53 2.90
N HIS C 357 9.27 5.69 3.37
CA HIS C 357 9.63 5.36 4.74
C HIS C 357 10.73 6.30 5.21
N TYR C 358 10.83 6.45 6.54
CA TYR C 358 11.78 7.37 7.15
C TYR C 358 12.46 6.69 8.32
N CYS C 359 13.56 7.30 8.77
CA CYS C 359 14.32 6.83 9.91
C CYS C 359 14.42 7.94 10.95
N TYR C 360 14.31 7.56 12.23
CA TYR C 360 14.32 8.51 13.34
C TYR C 360 15.44 8.14 14.32
N PRO C 361 16.65 8.67 14.12
CA PRO C 361 17.73 8.38 15.07
C PRO C 361 17.41 8.96 16.45
N HIS C 362 17.88 8.26 17.48
CA HIS C 362 17.67 8.68 18.86
C HIS C 362 18.87 8.27 19.69
N PHE C 363 19.36 9.19 20.51
CA PHE C 363 20.49 8.92 21.40
C PHE C 363 19.94 8.56 22.78
N THR C 364 19.51 7.31 22.89
CA THR C 364 18.93 6.79 24.12
C THR C 364 20.00 6.20 25.03
N CYS C 365 19.63 5.96 26.27
CA CYS C 365 20.52 5.37 27.27
C CYS C 365 19.99 4.00 27.68
N SER C 366 20.76 3.33 28.53
CA SER C 366 20.39 2.02 29.06
C SER C 366 19.71 2.09 30.42
N VAL C 367 19.49 3.29 30.95
CA VAL C 367 18.85 3.44 32.26
C VAL C 367 17.64 4.35 32.24
N ASP C 368 17.49 5.24 31.25
CA ASP C 368 16.35 6.14 31.22
C ASP C 368 15.08 5.39 30.84
N THR C 369 13.97 5.78 31.45
CA THR C 369 12.66 5.19 31.17
C THR C 369 11.87 5.97 30.14
N GLU C 370 12.48 6.97 29.50
CA GLU C 370 11.78 7.81 28.53
C GLU C 370 11.74 7.21 27.14
N ASN C 371 12.33 6.02 26.94
CA ASN C 371 12.29 5.39 25.62
C ASN C 371 10.86 5.07 25.19
N ILE C 372 9.97 4.85 26.15
CA ILE C 372 8.56 4.61 25.82
C ILE C 372 7.94 5.85 25.18
N ARG C 373 8.26 7.03 25.71
CA ARG C 373 7.70 8.26 25.16
C ARG C 373 8.24 8.54 23.75
N ARG C 374 9.52 8.24 23.51
CA ARG C 374 10.11 8.50 22.20
C ARG C 374 9.46 7.64 21.12
N VAL C 375 9.19 6.38 21.41
CA VAL C 375 8.53 5.52 20.42
C VAL C 375 7.07 5.89 20.25
N PHE C 376 6.46 6.57 21.23
CA PHE C 376 5.09 7.02 21.08
C PHE C 376 4.98 8.17 20.10
N ASN C 377 5.87 9.16 20.23
CA ASN C 377 5.86 10.30 19.33
C ASN C 377 6.28 9.89 17.91
N ASP C 378 7.26 8.99 17.80
CA ASP C 378 7.71 8.56 16.49
C ASP C 378 6.63 7.77 15.76
N CYS C 379 5.87 6.95 16.49
CA CYS C 379 4.77 6.22 15.87
C CYS C 379 3.69 7.16 15.35
N ARG C 380 3.36 8.22 16.12
CA ARG C 380 2.39 9.20 15.65
C ARG C 380 2.89 9.93 14.42
N ASP C 381 4.20 10.19 14.35
CA ASP C 381 4.78 10.86 13.18
C ASP C 381 4.58 10.03 11.92
N ILE C 382 4.75 8.71 12.03
CA ILE C 382 4.60 7.84 10.86
C ILE C 382 3.16 7.88 10.36
N ILE C 383 2.19 7.85 11.27
CA ILE C 383 0.78 7.80 10.88
C ILE C 383 0.37 9.12 10.24
N GLN C 384 0.86 10.24 10.77
CA GLN C 384 0.56 11.55 10.18
C GLN C 384 1.06 11.62 8.75
N ARG C 385 2.28 11.15 8.51
CA ARG C 385 2.81 11.16 7.15
C ARG C 385 2.04 10.20 6.26
N MET C 386 1.70 9.02 6.77
CA MET C 386 0.95 8.05 5.97
C MET C 386 -0.41 8.59 5.57
N HIS C 387 -1.10 9.26 6.50
CA HIS C 387 -2.39 9.85 6.16
C HIS C 387 -2.25 10.98 5.16
N LEU C 388 -1.20 11.79 5.30
CA LEU C 388 -0.99 12.91 4.38
C LEU C 388 -0.76 12.41 2.95
N ARG C 389 0.04 11.36 2.78
CA ARG C 389 0.31 10.84 1.45
C ARG C 389 -0.85 10.02 0.90
N GLN C 390 -1.75 9.55 1.78
CA GLN C 390 -2.97 8.91 1.30
C GLN C 390 -3.86 9.89 0.58
N TYR C 391 -3.79 11.17 0.95
CA TYR C 391 -4.53 12.24 0.28
C TYR C 391 -3.66 12.98 -0.74
N GLU C 392 -2.45 12.49 -1.00
CA GLU C 392 -1.50 13.06 -1.95
C GLU C 392 -1.06 14.47 -1.57
N LEU C 393 -1.24 14.87 -0.32
CA LEU C 393 -0.80 16.19 0.11
C LEU C 393 0.72 16.30 0.11
N LEU C 394 1.40 15.27 0.61
CA LEU C 394 2.86 15.29 0.70
C LEU C 394 3.45 14.35 -0.34
N SER D 12 47.50 -30.35 7.45
CA SER D 12 46.07 -30.09 7.56
C SER D 12 45.27 -31.37 7.30
N GLU D 13 44.86 -32.04 8.38
CA GLU D 13 44.08 -33.27 8.25
C GLU D 13 42.66 -33.01 7.77
N LEU D 14 42.17 -31.77 7.88
CA LEU D 14 40.84 -31.46 7.39
C LEU D 14 40.83 -31.33 5.87
N ASP D 15 41.92 -30.80 5.29
CA ASP D 15 41.96 -30.56 3.86
C ASP D 15 41.90 -31.86 3.06
N GLN D 16 42.62 -32.90 3.52
CA GLN D 16 42.67 -34.14 2.76
C GLN D 16 41.30 -34.82 2.68
N LEU D 17 40.44 -34.59 3.68
CA LEU D 17 39.07 -35.12 3.59
C LEU D 17 38.29 -34.45 2.47
N ARG D 18 38.49 -33.14 2.28
CA ARG D 18 37.76 -32.43 1.24
C ARG D 18 38.19 -32.90 -0.15
N GLN D 19 39.48 -33.17 -0.33
CA GLN D 19 39.99 -33.55 -1.65
C GLN D 19 39.36 -34.86 -2.13
N GLU D 20 39.26 -35.85 -1.23
CA GLU D 20 38.64 -37.12 -1.61
C GLU D 20 37.12 -37.02 -1.67
N ALA D 21 36.52 -36.16 -0.84
CA ALA D 21 35.07 -36.01 -0.87
C ALA D 21 34.60 -35.41 -2.19
N GLU D 22 35.32 -34.40 -2.70
CA GLU D 22 34.92 -33.78 -3.96
C GLU D 22 35.11 -34.71 -5.15
N GLN D 23 36.03 -35.69 -5.04
CA GLN D 23 36.17 -36.67 -6.12
C GLN D 23 34.92 -37.50 -6.28
N LEU D 24 34.31 -37.92 -5.16
CA LEU D 24 33.05 -38.64 -5.22
C LEU D 24 31.94 -37.75 -5.77
N LYS D 25 31.93 -36.47 -5.37
CA LYS D 25 30.97 -35.52 -5.94
C LYS D 25 31.21 -35.36 -7.44
N ASN D 26 32.47 -35.30 -7.85
CA ASN D 26 32.78 -35.29 -9.29
C ASN D 26 32.31 -36.58 -9.94
N GLN D 27 32.55 -37.72 -9.27
CA GLN D 27 32.10 -39.00 -9.81
C GLN D 27 30.59 -39.05 -9.94
N ILE D 28 29.87 -38.49 -8.97
CA ILE D 28 28.42 -38.42 -9.06
C ILE D 28 28.01 -37.56 -10.26
N ARG D 29 28.71 -36.45 -10.47
CA ARG D 29 28.40 -35.58 -11.61
C ARG D 29 28.56 -36.31 -12.93
N ASP D 30 29.65 -37.10 -13.06
CA ASP D 30 29.86 -37.84 -14.30
C ASP D 30 28.76 -38.87 -14.54
N ALA D 31 28.31 -39.54 -13.47
CA ALA D 31 27.25 -40.53 -13.61
C ALA D 31 25.95 -39.88 -14.06
N ARG D 32 25.61 -38.71 -13.52
CA ARG D 32 24.37 -38.05 -13.87
C ARG D 32 24.36 -37.63 -15.34
N LYS D 33 25.48 -37.12 -15.85
CA LYS D 33 25.55 -36.70 -17.24
C LYS D 33 25.51 -37.91 -18.17
N ALA D 34 26.08 -39.04 -17.76
CA ALA D 34 26.06 -40.23 -18.60
C ALA D 34 24.64 -40.74 -18.82
N CYS D 35 23.80 -40.70 -17.77
CA CYS D 35 22.43 -41.17 -17.89
C CYS D 35 21.57 -40.24 -18.74
N ALA D 36 22.00 -39.00 -18.97
CA ALA D 36 21.23 -38.05 -19.76
C ALA D 36 21.56 -38.23 -21.24
N ASP D 37 21.08 -39.34 -21.78
CA ASP D 37 21.31 -39.63 -23.20
C ASP D 37 20.58 -38.63 -24.10
N ALA D 38 19.36 -38.25 -23.71
CA ALA D 38 18.58 -37.28 -24.48
C ALA D 38 17.68 -36.52 -23.53
N THR D 39 17.50 -35.23 -23.79
CA THR D 39 16.68 -34.39 -22.93
C THR D 39 15.20 -34.65 -23.21
N LEU D 40 14.35 -34.11 -22.34
CA LEU D 40 12.91 -34.29 -22.47
C LEU D 40 12.33 -33.43 -23.59
N SER D 41 13.03 -32.40 -24.03
CA SER D 41 12.52 -31.53 -25.08
C SER D 41 12.32 -32.29 -26.39
N GLN D 42 13.29 -33.13 -26.75
CA GLN D 42 13.17 -33.88 -28.00
C GLN D 42 12.17 -35.02 -27.88
N ILE D 43 12.03 -35.61 -26.69
CA ILE D 43 11.11 -36.73 -26.51
C ILE D 43 9.65 -36.27 -26.51
N THR D 44 9.40 -34.97 -26.32
CA THR D 44 8.05 -34.43 -26.32
C THR D 44 7.85 -33.39 -27.44
N ASN D 45 8.69 -33.42 -28.48
CA ASN D 45 8.57 -32.45 -29.56
C ASN D 45 7.34 -32.71 -30.42
N ASN D 46 6.95 -33.98 -30.59
CA ASN D 46 5.84 -34.34 -31.46
C ASN D 46 4.49 -34.28 -30.74
N ILE D 47 4.48 -34.02 -29.44
CA ILE D 47 3.23 -33.96 -28.69
C ILE D 47 2.49 -32.67 -29.03
N ASP D 48 1.21 -32.79 -29.34
CA ASP D 48 0.41 -31.63 -29.67
C ASP D 48 0.27 -30.71 -28.45
N PRO D 49 0.38 -29.40 -28.62
CA PRO D 49 0.29 -28.50 -27.47
C PRO D 49 -1.14 -28.43 -26.95
N VAL D 50 -1.25 -28.13 -25.65
CA VAL D 50 -2.56 -28.02 -25.01
C VAL D 50 -3.32 -26.78 -25.50
N GLY D 51 -2.62 -25.79 -26.03
CA GLY D 51 -3.27 -24.59 -26.51
C GLY D 51 -3.63 -23.64 -25.39
N ARG D 52 -4.22 -22.52 -25.78
CA ARG D 52 -4.66 -21.52 -24.80
C ARG D 52 -5.79 -22.06 -23.95
N ILE D 53 -5.74 -21.77 -22.66
CA ILE D 53 -6.75 -22.21 -21.69
C ILE D 53 -7.25 -20.99 -20.94
N GLN D 54 -8.57 -20.90 -20.79
CA GLN D 54 -9.21 -19.80 -20.09
C GLN D 54 -9.69 -20.29 -18.73
N MET D 55 -9.33 -19.56 -17.68
CA MET D 55 -9.67 -19.93 -16.32
C MET D 55 -10.06 -18.68 -15.56
N ARG D 56 -11.33 -18.59 -15.16
CA ARG D 56 -11.86 -17.43 -14.48
C ARG D 56 -12.10 -17.76 -13.00
N THR D 57 -12.01 -16.74 -12.16
CA THR D 57 -12.22 -16.91 -10.73
C THR D 57 -13.71 -17.14 -10.45
N ARG D 58 -14.07 -18.36 -10.07
CA ARG D 58 -15.46 -18.68 -9.80
C ARG D 58 -15.93 -18.10 -8.47
N ARG D 59 -15.11 -18.20 -7.43
CA ARG D 59 -15.44 -17.69 -6.11
C ARG D 59 -14.28 -16.86 -5.57
N THR D 60 -14.62 -15.89 -4.73
CA THR D 60 -13.63 -15.03 -4.07
C THR D 60 -13.88 -15.11 -2.57
N LEU D 61 -13.09 -15.92 -1.87
CA LEU D 61 -13.22 -16.05 -0.43
C LEU D 61 -12.59 -14.84 0.26
N ARG D 62 -13.38 -14.14 1.08
CA ARG D 62 -12.92 -12.94 1.75
C ARG D 62 -13.35 -12.98 3.21
N GLY D 63 -12.61 -12.25 4.04
CA GLY D 63 -12.88 -12.22 5.47
C GLY D 63 -11.62 -12.14 6.29
N HIS D 64 -10.50 -12.52 5.70
CA HIS D 64 -9.22 -12.44 6.38
C HIS D 64 -8.76 -10.99 6.50
N LEU D 65 -8.04 -10.69 7.59
CA LEU D 65 -7.56 -9.34 7.84
C LEU D 65 -6.14 -9.14 7.30
N ALA D 66 -5.21 -9.95 7.77
CA ALA D 66 -3.81 -9.82 7.40
C ALA D 66 -3.50 -10.67 6.17
N LYS D 67 -2.25 -10.66 5.75
CA LYS D 67 -1.84 -11.37 4.54
C LYS D 67 -1.96 -12.88 4.75
N ILE D 68 -2.38 -13.57 3.68
CA ILE D 68 -2.43 -15.03 3.69
C ILE D 68 -1.03 -15.56 3.44
N TYR D 69 -0.58 -16.48 4.31
CA TYR D 69 0.74 -17.06 4.15
C TYR D 69 0.73 -18.51 3.71
N ALA D 70 -0.36 -19.24 3.95
CA ALA D 70 -0.46 -20.61 3.51
C ALA D 70 -1.93 -21.03 3.45
N MET D 71 -2.18 -22.11 2.72
CA MET D 71 -3.51 -22.70 2.64
C MET D 71 -3.36 -24.17 2.27
N HIS D 72 -4.40 -24.94 2.56
CA HIS D 72 -4.39 -26.37 2.26
C HIS D 72 -5.82 -26.82 1.95
N TRP D 73 -6.01 -27.43 0.78
CA TRP D 73 -7.30 -27.95 0.41
C TRP D 73 -7.65 -29.16 1.27
N GLY D 74 -8.96 -29.36 1.48
CA GLY D 74 -9.42 -30.56 2.14
C GLY D 74 -9.33 -31.78 1.24
N THR D 75 -9.27 -32.95 1.88
CA THR D 75 -9.17 -34.20 1.13
C THR D 75 -10.46 -34.54 0.40
N ASP D 76 -11.57 -33.90 0.74
CA ASP D 76 -12.86 -34.16 0.12
C ASP D 76 -13.20 -33.16 -0.98
N SER D 77 -12.23 -32.30 -1.35
CA SER D 77 -12.40 -31.36 -2.46
C SER D 77 -13.50 -30.34 -2.19
N ARG D 78 -13.86 -30.15 -0.93
CA ARG D 78 -14.91 -29.20 -0.58
C ARG D 78 -14.42 -28.08 0.32
N LEU D 79 -13.77 -28.41 1.43
CA LEU D 79 -13.33 -27.41 2.40
C LEU D 79 -11.85 -27.11 2.23
N LEU D 80 -11.44 -25.98 2.82
CA LEU D 80 -10.03 -25.59 2.85
C LEU D 80 -9.78 -24.77 4.10
N VAL D 81 -8.52 -24.72 4.52
CA VAL D 81 -8.09 -23.96 5.70
C VAL D 81 -7.04 -22.95 5.26
N SER D 82 -7.23 -21.70 5.66
CA SER D 82 -6.32 -20.61 5.31
C SER D 82 -5.84 -19.93 6.57
N ALA D 83 -4.52 -19.74 6.67
CA ALA D 83 -3.90 -19.11 7.83
C ALA D 83 -3.30 -17.77 7.43
N SER D 84 -3.56 -16.74 8.22
CA SER D 84 -3.06 -15.41 7.97
C SER D 84 -2.30 -14.91 9.20
N GLN D 85 -1.75 -13.70 9.09
CA GLN D 85 -0.85 -13.15 10.11
C GLN D 85 -1.58 -12.35 11.19
N ASP D 86 -2.89 -12.52 11.32
CA ASP D 86 -3.64 -11.93 12.43
C ASP D 86 -3.98 -12.94 13.50
N GLY D 87 -3.37 -14.12 13.46
CA GLY D 87 -3.70 -15.18 14.40
C GLY D 87 -5.09 -15.74 14.23
N LYS D 88 -5.53 -15.92 12.99
CA LYS D 88 -6.86 -16.44 12.68
C LYS D 88 -6.76 -17.62 11.73
N LEU D 89 -7.44 -18.71 12.07
CA LEU D 89 -7.55 -19.87 11.20
C LEU D 89 -8.99 -19.98 10.74
N ILE D 90 -9.22 -19.94 9.44
CA ILE D 90 -10.56 -19.96 8.86
C ILE D 90 -10.69 -21.20 8.00
N ILE D 91 -11.77 -21.96 8.23
CA ILE D 91 -12.10 -23.13 7.43
C ILE D 91 -13.31 -22.76 6.58
N TRP D 92 -13.15 -22.81 5.27
CA TRP D 92 -14.18 -22.37 4.34
C TRP D 92 -14.93 -23.56 3.74
N ASP D 93 -16.00 -23.24 3.03
CA ASP D 93 -16.71 -24.19 2.17
C ASP D 93 -16.68 -23.60 0.77
N SER D 94 -15.81 -24.15 -0.09
CA SER D 94 -15.57 -23.55 -1.40
C SER D 94 -16.84 -23.53 -2.24
N TYR D 95 -17.74 -24.47 -2.02
CA TYR D 95 -18.93 -24.57 -2.86
C TYR D 95 -19.88 -23.40 -2.62
N THR D 96 -20.05 -23.01 -1.36
CA THR D 96 -21.00 -21.97 -0.99
C THR D 96 -20.36 -20.75 -0.34
N THR D 97 -19.06 -20.77 -0.08
CA THR D 97 -18.32 -19.62 0.47
C THR D 97 -18.89 -19.18 1.82
N ASN D 98 -19.05 -20.13 2.73
CA ASN D 98 -19.43 -19.86 4.11
C ASN D 98 -18.36 -20.41 5.04
N LYS D 99 -17.88 -19.57 5.95
CA LYS D 99 -16.90 -20.04 6.93
C LYS D 99 -17.53 -21.07 7.86
N VAL D 100 -16.75 -22.09 8.20
CA VAL D 100 -17.19 -23.12 9.13
C VAL D 100 -16.62 -22.88 10.52
N HIS D 101 -15.34 -22.53 10.63
CA HIS D 101 -14.70 -22.29 11.90
C HIS D 101 -13.83 -21.05 11.81
N ALA D 102 -13.59 -20.42 12.97
CA ALA D 102 -12.69 -19.28 13.08
C ALA D 102 -11.91 -19.49 14.38
N ILE D 103 -10.70 -20.01 14.26
CA ILE D 103 -9.91 -20.46 15.42
C ILE D 103 -8.91 -19.36 15.76
N PRO D 104 -9.03 -18.70 16.91
CA PRO D 104 -7.97 -17.78 17.35
C PRO D 104 -6.69 -18.54 17.63
N LEU D 105 -5.57 -17.87 17.40
CA LEU D 105 -4.26 -18.49 17.49
C LEU D 105 -3.45 -17.86 18.62
N ARG D 106 -2.66 -18.70 19.30
CA ARG D 106 -1.82 -18.20 20.39
C ARG D 106 -0.78 -17.21 19.87
N SER D 107 -0.16 -17.51 18.73
CA SER D 107 0.83 -16.65 18.11
C SER D 107 0.30 -16.18 16.76
N SER D 108 0.43 -14.88 16.49
CA SER D 108 -0.12 -14.28 15.28
C SER D 108 0.93 -14.12 14.17
N TRP D 109 1.90 -15.01 14.10
CA TRP D 109 2.93 -15.00 13.05
C TRP D 109 3.12 -16.39 12.47
N VAL D 110 2.03 -17.04 12.11
CA VAL D 110 2.08 -18.38 11.55
C VAL D 110 2.31 -18.28 10.05
N MET D 111 3.00 -19.28 9.49
CA MET D 111 3.34 -19.32 8.08
C MET D 111 2.94 -20.63 7.42
N THR D 112 2.14 -21.45 8.10
CA THR D 112 1.76 -22.74 7.52
C THR D 112 0.42 -23.19 8.11
N CYS D 113 -0.20 -24.12 7.40
CA CYS D 113 -1.41 -24.77 7.87
C CYS D 113 -1.55 -26.09 7.13
N ALA D 114 -2.41 -26.97 7.65
CA ALA D 114 -2.59 -28.28 7.04
C ALA D 114 -3.99 -28.78 7.35
N TYR D 115 -4.44 -29.73 6.53
CA TYR D 115 -5.71 -30.44 6.72
C TYR D 115 -5.41 -31.92 6.75
N ALA D 116 -5.84 -32.60 7.81
CA ALA D 116 -5.58 -34.02 7.96
C ALA D 116 -6.33 -34.81 6.89
N PRO D 117 -5.77 -35.93 6.42
CA PRO D 117 -6.49 -36.76 5.44
C PRO D 117 -7.78 -37.33 5.96
N SER D 118 -7.96 -37.41 7.28
CA SER D 118 -9.22 -37.83 7.87
C SER D 118 -10.17 -36.66 8.12
N GLY D 119 -9.73 -35.43 7.91
CA GLY D 119 -10.58 -34.28 8.13
C GLY D 119 -10.88 -33.98 9.57
N ASN D 120 -10.07 -34.48 10.50
CA ASN D 120 -10.32 -34.31 11.92
C ASN D 120 -9.41 -33.29 12.58
N TYR D 121 -8.25 -33.01 12.01
CA TYR D 121 -7.26 -32.16 12.64
C TYR D 121 -6.76 -31.09 11.67
N VAL D 122 -6.42 -29.92 12.23
CA VAL D 122 -5.82 -28.82 11.48
C VAL D 122 -4.61 -28.34 12.27
N ALA D 123 -3.47 -28.24 11.60
CA ALA D 123 -2.23 -27.81 12.23
C ALA D 123 -1.84 -26.43 11.76
N CYS D 124 -0.99 -25.78 12.54
CA CYS D 124 -0.45 -24.47 12.19
C CYS D 124 0.88 -24.27 12.87
N GLY D 125 1.69 -23.38 12.32
CA GLY D 125 3.00 -23.09 12.88
C GLY D 125 3.58 -21.84 12.27
N GLY D 126 4.54 -21.25 12.98
CA GLY D 126 5.14 -20.02 12.52
C GLY D 126 6.33 -19.57 13.33
N LEU D 127 6.38 -18.27 13.66
CA LEU D 127 7.52 -17.72 14.38
C LEU D 127 7.39 -17.98 15.88
N ASP D 128 7.15 -19.23 16.25
CA ASP D 128 7.12 -19.62 17.65
C ASP D 128 7.77 -20.97 17.88
N ASN D 129 8.32 -21.62 16.85
CA ASN D 129 8.95 -22.93 16.93
C ASN D 129 8.00 -24.00 17.46
N ILE D 130 6.70 -23.74 17.44
CA ILE D 130 5.71 -24.65 18.01
C ILE D 130 4.62 -24.89 16.97
N CYS D 131 4.32 -26.16 16.72
CA CYS D 131 3.29 -26.56 15.76
C CYS D 131 2.00 -26.84 16.54
N SER D 132 1.09 -25.87 16.52
CA SER D 132 -0.19 -26.00 17.21
C SER D 132 -1.15 -26.80 16.36
N ILE D 133 -1.80 -27.79 16.96
CA ILE D 133 -2.71 -28.69 16.27
C ILE D 133 -4.08 -28.61 16.91
N TYR D 134 -5.10 -28.40 16.10
CA TYR D 134 -6.48 -28.25 16.56
C TYR D 134 -7.33 -29.40 16.05
N ASN D 135 -8.34 -29.78 16.83
CA ASN D 135 -9.28 -30.83 16.48
C ASN D 135 -10.64 -30.22 16.18
N LEU D 136 -11.24 -30.63 15.06
CA LEU D 136 -12.50 -30.05 14.61
C LEU D 136 -13.72 -30.86 15.01
N LYS D 137 -13.57 -32.14 15.30
CA LYS D 137 -14.69 -33.02 15.62
C LYS D 137 -14.76 -33.32 17.11
N THR D 138 -14.50 -32.31 17.94
CA THR D 138 -14.50 -32.50 19.39
C THR D 138 -15.89 -32.90 19.88
N ARG D 139 -15.91 -33.71 20.93
CA ARG D 139 -17.18 -34.15 21.50
C ARG D 139 -17.95 -32.97 22.12
N GLU D 140 -17.24 -32.06 22.80
CA GLU D 140 -17.91 -30.94 23.46
C GLU D 140 -18.54 -30.00 22.44
N GLY D 141 -17.77 -29.58 21.44
CA GLY D 141 -18.31 -28.74 20.40
C GLY D 141 -17.44 -27.60 19.90
N ASN D 142 -16.58 -27.05 20.75
CA ASN D 142 -15.75 -25.92 20.37
C ASN D 142 -14.33 -26.37 20.08
N VAL D 143 -13.70 -25.72 19.10
CA VAL D 143 -12.37 -26.10 18.65
C VAL D 143 -11.33 -25.53 19.61
N ARG D 144 -10.49 -26.39 20.14
CA ARG D 144 -9.42 -26.00 21.05
C ARG D 144 -8.15 -26.74 20.67
N VAL D 145 -7.01 -26.20 21.09
CA VAL D 145 -5.73 -26.83 20.79
C VAL D 145 -5.65 -28.17 21.51
N SER D 146 -5.34 -29.22 20.74
CA SER D 146 -5.29 -30.57 21.29
C SER D 146 -3.89 -30.93 21.79
N ARG D 147 -2.85 -30.54 21.06
CA ARG D 147 -1.49 -30.84 21.46
C ARG D 147 -0.55 -29.83 20.82
N GLU D 148 0.35 -29.27 21.62
CA GLU D 148 1.35 -28.32 21.15
C GLU D 148 2.68 -29.04 21.04
N LEU D 149 3.17 -29.19 19.81
CA LEU D 149 4.40 -29.92 19.54
C LEU D 149 5.57 -28.95 19.61
N ALA D 150 6.42 -29.11 20.62
CA ALA D 150 7.59 -28.25 20.82
C ALA D 150 8.86 -29.08 20.73
N GLY D 151 9.95 -28.41 20.36
CA GLY D 151 11.23 -29.07 20.20
C GLY D 151 12.06 -28.51 19.06
N HIS D 152 11.39 -27.82 18.13
CA HIS D 152 12.09 -27.16 17.04
C HIS D 152 12.81 -25.92 17.55
N THR D 153 13.93 -25.60 16.89
CA THR D 153 14.71 -24.42 17.25
C THR D 153 14.31 -23.20 16.43
N GLY D 154 14.20 -23.37 15.10
CA GLY D 154 13.83 -22.28 14.22
C GLY D 154 12.33 -22.22 13.97
N TYR D 155 11.95 -21.20 13.19
CA TYR D 155 10.56 -20.98 12.86
C TYR D 155 10.02 -22.11 11.99
N LEU D 156 8.74 -22.41 12.17
CA LEU D 156 8.07 -23.40 11.33
C LEU D 156 7.71 -22.81 9.98
N SER D 157 7.90 -23.59 8.92
CA SER D 157 7.62 -23.14 7.57
C SER D 157 6.54 -23.96 6.88
N CYS D 158 6.52 -25.27 7.09
CA CYS D 158 5.52 -26.12 6.44
C CYS D 158 5.35 -27.39 7.25
N CYS D 159 4.10 -27.68 7.62
CA CYS D 159 3.77 -28.90 8.36
C CYS D 159 2.69 -29.65 7.61
N ARG D 160 2.87 -30.96 7.44
CA ARG D 160 1.94 -31.79 6.71
C ARG D 160 1.61 -33.03 7.53
N PHE D 161 0.38 -33.53 7.36
CA PHE D 161 -0.11 -34.67 8.13
C PHE D 161 0.08 -35.97 7.36
N LEU D 162 0.46 -37.02 8.08
CA LEU D 162 0.45 -38.37 7.54
C LEU D 162 -0.86 -39.08 7.89
N ASP D 163 -1.23 -39.03 9.17
CA ASP D 163 -2.48 -39.60 9.67
C ASP D 163 -2.82 -38.89 10.97
N ASP D 164 -3.77 -39.46 11.71
CA ASP D 164 -4.18 -38.85 12.98
C ASP D 164 -3.10 -38.93 14.06
N ASN D 165 -2.05 -39.72 13.85
CA ASN D 165 -1.02 -39.92 14.85
C ASN D 165 0.36 -39.44 14.44
N GLN D 166 0.58 -39.08 13.18
CA GLN D 166 1.89 -38.67 12.69
C GLN D 166 1.78 -37.37 11.92
N ILE D 167 2.83 -36.55 12.01
CA ILE D 167 2.89 -35.27 11.30
C ILE D 167 4.35 -34.95 11.04
N VAL D 168 4.64 -34.47 9.83
CA VAL D 168 5.99 -34.08 9.42
C VAL D 168 6.06 -32.56 9.37
N THR D 169 7.02 -31.98 10.08
CA THR D 169 7.19 -30.54 10.16
C THR D 169 8.59 -30.16 9.72
N SER D 170 8.70 -29.05 8.98
CA SER D 170 9.97 -28.50 8.55
C SER D 170 10.17 -27.14 9.20
N SER D 171 11.30 -26.97 9.86
CA SER D 171 11.60 -25.77 10.62
C SER D 171 12.71 -24.98 9.95
N GLY D 172 12.99 -23.80 10.51
CA GLY D 172 14.05 -22.94 10.05
C GLY D 172 15.42 -23.23 10.60
N ASP D 173 15.56 -24.28 11.42
CA ASP D 173 16.84 -24.67 11.98
C ASP D 173 17.53 -25.74 11.14
N THR D 174 17.27 -25.77 9.84
CA THR D 174 17.90 -26.69 8.88
C THR D 174 17.61 -28.15 9.18
N THR D 175 16.51 -28.45 9.89
CA THR D 175 16.15 -29.82 10.21
C THR D 175 14.66 -30.03 9.98
N CYS D 176 14.30 -31.27 9.66
CA CYS D 176 12.92 -31.69 9.55
C CYS D 176 12.64 -32.77 10.60
N ALA D 177 11.38 -32.88 11.01
CA ALA D 177 11.00 -33.76 12.10
C ALA D 177 9.78 -34.60 11.72
N LEU D 178 9.65 -35.74 12.37
CA LEU D 178 8.50 -36.64 12.25
C LEU D 178 7.92 -36.82 13.65
N TRP D 179 6.85 -36.10 13.95
CA TRP D 179 6.34 -36.03 15.31
C TRP D 179 5.36 -37.17 15.58
N ASP D 180 5.18 -37.46 16.88
CA ASP D 180 4.17 -38.38 17.36
C ASP D 180 3.14 -37.58 18.14
N ILE D 181 1.86 -37.70 17.74
CA ILE D 181 0.84 -36.82 18.27
C ILE D 181 0.61 -37.08 19.76
N GLU D 182 0.45 -38.35 20.14
CA GLU D 182 0.08 -38.67 21.52
C GLU D 182 1.24 -38.40 22.48
N THR D 183 2.44 -38.86 22.13
CA THR D 183 3.58 -38.70 23.02
C THR D 183 4.09 -37.26 23.03
N GLY D 184 3.97 -36.56 21.91
CA GLY D 184 4.49 -35.21 21.81
C GLY D 184 5.98 -35.10 21.59
N GLN D 185 6.66 -36.21 21.37
CA GLN D 185 8.09 -36.24 21.15
C GLN D 185 8.37 -36.67 19.70
N GLN D 186 9.29 -35.97 19.05
CA GLN D 186 9.64 -36.31 17.68
C GLN D 186 10.37 -37.66 17.64
N THR D 187 9.93 -38.54 16.75
CA THR D 187 10.53 -39.86 16.65
C THR D 187 11.87 -39.81 15.92
N THR D 188 11.85 -39.34 14.68
CA THR D 188 13.05 -39.24 13.86
C THR D 188 13.25 -37.81 13.41
N THR D 189 14.47 -37.32 13.51
CA THR D 189 14.84 -35.97 13.09
C THR D 189 15.73 -36.06 11.86
N PHE D 190 15.35 -35.34 10.81
CA PHE D 190 16.08 -35.37 9.55
C PHE D 190 17.10 -34.23 9.53
N THR D 191 18.36 -34.57 9.27
CA THR D 191 19.45 -33.61 9.26
C THR D 191 20.22 -33.73 7.95
N GLY D 192 20.90 -32.64 7.59
CA GLY D 192 21.68 -32.60 6.37
C GLY D 192 21.60 -31.28 5.65
N HIS D 193 20.51 -30.55 5.85
CA HIS D 193 20.35 -29.24 5.22
C HIS D 193 21.27 -28.22 5.87
N THR D 194 21.73 -27.26 5.06
CA THR D 194 22.60 -26.19 5.54
C THR D 194 21.86 -24.87 5.68
N GLY D 195 20.60 -24.81 5.28
CA GLY D 195 19.81 -23.59 5.37
C GLY D 195 18.40 -23.89 5.78
N ASP D 196 17.61 -22.83 5.94
CA ASP D 196 16.24 -22.97 6.39
C ASP D 196 15.41 -23.79 5.42
N VAL D 197 14.66 -24.75 5.95
CA VAL D 197 13.76 -25.56 5.14
C VAL D 197 12.46 -24.79 4.96
N MET D 198 12.07 -24.55 3.71
CA MET D 198 10.91 -23.72 3.40
C MET D 198 9.65 -24.50 3.10
N SER D 199 9.75 -25.66 2.45
CA SER D 199 8.55 -26.39 2.06
C SER D 199 8.89 -27.87 1.94
N LEU D 200 7.83 -28.68 1.92
CA LEU D 200 7.96 -30.13 1.76
C LEU D 200 6.65 -30.66 1.20
N SER D 201 6.72 -31.84 0.61
CA SER D 201 5.54 -32.48 0.00
C SER D 201 5.70 -33.99 0.09
N LEU D 202 4.70 -34.66 0.67
CA LEU D 202 4.74 -36.10 0.79
C LEU D 202 4.47 -36.78 -0.55
N ALA D 203 5.05 -37.95 -0.73
CA ALA D 203 4.75 -38.77 -1.90
C ALA D 203 3.34 -39.33 -1.78
N PRO D 204 2.73 -39.70 -2.91
CA PRO D 204 1.38 -40.29 -2.84
C PRO D 204 1.28 -41.54 -1.99
N ASP D 205 2.33 -42.36 -1.96
CA ASP D 205 2.35 -43.54 -1.11
C ASP D 205 2.84 -43.26 0.30
N THR D 206 3.24 -42.01 0.58
CA THR D 206 3.64 -41.51 1.90
C THR D 206 4.92 -42.16 2.43
N ARG D 207 5.53 -43.07 1.67
CA ARG D 207 6.78 -43.68 2.11
C ARG D 207 7.91 -42.66 2.16
N LEU D 208 7.95 -41.77 1.17
CA LEU D 208 9.03 -40.79 1.03
C LEU D 208 8.46 -39.38 1.03
N PHE D 209 9.36 -38.42 1.24
CA PHE D 209 9.00 -37.01 1.13
C PHE D 209 10.27 -36.20 0.88
N VAL D 210 10.15 -35.15 0.08
CA VAL D 210 11.27 -34.27 -0.23
C VAL D 210 11.01 -32.90 0.39
N SER D 211 12.10 -32.15 0.58
CA SER D 211 12.04 -30.84 1.18
C SER D 211 13.02 -29.91 0.47
N GLY D 212 12.58 -28.68 0.19
CA GLY D 212 13.43 -27.70 -0.45
C GLY D 212 13.87 -26.62 0.52
N ALA D 213 15.18 -26.49 0.71
CA ALA D 213 15.74 -25.56 1.67
C ALA D 213 16.41 -24.39 0.94
N CYS D 214 17.08 -23.53 1.71
CA CYS D 214 17.71 -22.33 1.19
C CYS D 214 19.12 -22.58 0.67
N ASP D 215 19.47 -23.82 0.37
CA ASP D 215 20.77 -24.17 -0.19
C ASP D 215 20.73 -24.35 -1.71
N ALA D 216 19.63 -23.98 -2.35
CA ALA D 216 19.41 -24.26 -3.77
C ALA D 216 19.52 -25.75 -4.06
N SER D 217 18.94 -26.55 -3.16
CA SER D 217 19.01 -28.00 -3.27
C SER D 217 17.78 -28.61 -2.63
N ALA D 218 17.30 -29.70 -3.23
CA ALA D 218 16.18 -30.47 -2.70
C ALA D 218 16.66 -31.86 -2.33
N LYS D 219 16.26 -32.32 -1.13
CA LYS D 219 16.72 -33.59 -0.59
C LYS D 219 15.54 -34.52 -0.37
N LEU D 220 15.64 -35.73 -0.92
CA LEU D 220 14.59 -36.74 -0.76
C LEU D 220 14.89 -37.58 0.48
N TRP D 221 13.94 -37.60 1.42
CA TRP D 221 14.10 -38.31 2.67
C TRP D 221 13.26 -39.59 2.69
N ASP D 222 13.54 -40.43 3.67
CA ASP D 222 12.75 -41.62 3.94
C ASP D 222 12.06 -41.45 5.29
N VAL D 223 10.73 -41.60 5.29
CA VAL D 223 9.95 -41.32 6.50
C VAL D 223 10.29 -42.30 7.61
N ARG D 224 10.40 -43.60 7.27
CA ARG D 224 10.55 -44.62 8.29
C ARG D 224 11.94 -44.59 8.92
N GLU D 225 12.97 -44.80 8.12
CA GLU D 225 14.33 -44.91 8.63
C GLU D 225 15.03 -43.57 8.80
N GLY D 226 14.42 -42.47 8.33
CA GLY D 226 14.96 -41.15 8.59
C GLY D 226 16.33 -40.89 7.99
N MET D 227 16.53 -41.27 6.73
CA MET D 227 17.81 -41.06 6.06
C MET D 227 17.56 -40.49 4.67
N CYS D 228 18.39 -39.54 4.26
CA CYS D 228 18.25 -38.92 2.94
C CYS D 228 18.85 -39.85 1.89
N ARG D 229 18.05 -40.21 0.89
CA ARG D 229 18.51 -41.15 -0.13
C ARG D 229 19.24 -40.43 -1.26
N GLN D 230 18.62 -39.42 -1.86
CA GLN D 230 19.20 -38.70 -2.97
C GLN D 230 19.11 -37.21 -2.74
N THR D 231 20.05 -36.47 -3.33
CA THR D 231 20.09 -35.02 -3.24
C THR D 231 20.00 -34.44 -4.65
N PHE D 232 19.08 -33.50 -4.86
CA PHE D 232 18.86 -32.87 -6.15
C PHE D 232 19.30 -31.41 -6.08
N THR D 233 20.16 -31.01 -7.01
CA THR D 233 20.71 -29.67 -7.05
C THR D 233 20.66 -29.15 -8.48
N GLY D 234 20.92 -27.85 -8.62
CA GLY D 234 20.90 -27.21 -9.93
C GLY D 234 20.32 -25.82 -9.89
N HIS D 235 19.62 -25.49 -8.81
CA HIS D 235 19.04 -24.16 -8.68
C HIS D 235 20.11 -23.12 -8.40
N GLU D 236 19.85 -21.89 -8.82
CA GLU D 236 20.78 -20.80 -8.63
C GLU D 236 20.58 -20.07 -7.31
N SER D 237 19.37 -20.07 -6.77
CA SER D 237 19.08 -19.41 -5.50
C SER D 237 18.21 -20.34 -4.67
N ASP D 238 17.74 -19.85 -3.53
CA ASP D 238 17.01 -20.67 -2.58
C ASP D 238 15.65 -21.11 -3.16
N ILE D 239 15.09 -22.14 -2.54
CA ILE D 239 13.83 -22.74 -2.98
C ILE D 239 12.74 -22.33 -2.00
N ASN D 240 11.64 -21.80 -2.54
CA ASN D 240 10.53 -21.33 -1.72
C ASN D 240 9.40 -22.32 -1.59
N ALA D 241 9.15 -23.14 -2.63
CA ALA D 241 8.06 -24.10 -2.59
C ALA D 241 8.41 -25.30 -3.44
N ILE D 242 7.72 -26.41 -3.19
CA ILE D 242 7.99 -27.66 -3.88
C ILE D 242 6.70 -28.47 -3.89
N CYS D 243 6.59 -29.40 -4.84
CA CYS D 243 5.38 -30.20 -4.98
C CYS D 243 5.72 -31.49 -5.71
N PHE D 244 5.15 -32.60 -5.25
CA PHE D 244 5.35 -33.88 -5.91
C PHE D 244 4.49 -33.99 -7.17
N PHE D 245 5.00 -34.73 -8.14
CA PHE D 245 4.19 -35.09 -9.30
C PHE D 245 3.09 -36.07 -8.88
N PRO D 246 1.93 -36.03 -9.55
CA PRO D 246 0.88 -37.01 -9.23
C PRO D 246 1.32 -38.45 -9.36
N ASN D 247 2.21 -38.75 -10.31
CA ASN D 247 2.73 -40.11 -10.44
C ASN D 247 3.58 -40.52 -9.25
N GLY D 248 4.15 -39.55 -8.53
CA GLY D 248 4.99 -39.85 -7.39
C GLY D 248 6.45 -40.11 -7.72
N ASN D 249 6.83 -40.09 -8.99
CA ASN D 249 8.21 -40.32 -9.41
C ASN D 249 8.89 -39.04 -9.90
N ALA D 250 8.33 -37.89 -9.56
CA ALA D 250 8.90 -36.61 -9.98
C ALA D 250 8.40 -35.52 -9.05
N PHE D 251 9.07 -34.36 -9.09
CA PHE D 251 8.63 -33.22 -8.30
C PHE D 251 9.14 -31.95 -8.97
N ALA D 252 8.47 -30.85 -8.66
CA ALA D 252 8.80 -29.54 -9.21
C ALA D 252 9.12 -28.57 -8.09
N THR D 253 10.15 -27.76 -8.31
CA THR D 253 10.65 -26.83 -7.30
C THR D 253 10.52 -25.40 -7.81
N GLY D 254 10.11 -24.50 -6.92
CA GLY D 254 10.05 -23.08 -7.22
C GLY D 254 11.11 -22.33 -6.41
N SER D 255 11.86 -21.49 -7.10
CA SER D 255 13.02 -20.83 -6.52
C SER D 255 12.91 -19.31 -6.67
N ASP D 256 13.80 -18.61 -5.96
CA ASP D 256 13.81 -17.16 -6.00
C ASP D 256 14.42 -16.65 -7.30
N ASP D 257 15.31 -17.43 -7.92
CA ASP D 257 15.96 -17.01 -9.15
C ASP D 257 15.05 -17.05 -10.38
N ALA D 258 13.74 -17.20 -10.17
CA ALA D 258 12.73 -17.10 -11.23
C ALA D 258 12.82 -18.26 -12.23
N THR D 259 13.00 -19.47 -11.71
CA THR D 259 13.00 -20.67 -12.54
C THR D 259 12.23 -21.78 -11.83
N CYS D 260 11.35 -22.44 -12.56
CA CYS D 260 10.66 -23.62 -12.09
C CYS D 260 11.29 -24.85 -12.74
N ARG D 261 11.75 -25.79 -11.92
CA ARG D 261 12.50 -26.94 -12.40
C ARG D 261 11.73 -28.22 -12.11
N LEU D 262 11.88 -29.19 -12.99
CA LEU D 262 11.26 -30.51 -12.84
C LEU D 262 12.37 -31.54 -12.69
N PHE D 263 12.31 -32.30 -11.60
CA PHE D 263 13.30 -33.33 -11.30
C PHE D 263 12.66 -34.71 -11.38
N ASP D 264 13.50 -35.73 -11.45
CA ASP D 264 13.07 -37.12 -11.51
C ASP D 264 13.80 -37.91 -10.44
N LEU D 265 13.05 -38.68 -9.64
CA LEU D 265 13.66 -39.49 -8.60
C LEU D 265 14.51 -40.60 -9.18
N ARG D 266 13.98 -41.31 -10.18
CA ARG D 266 14.72 -42.42 -10.77
C ARG D 266 15.92 -41.93 -11.58
N ALA D 267 15.73 -40.86 -12.36
CA ALA D 267 16.84 -40.30 -13.13
C ALA D 267 17.85 -39.57 -12.25
N ASP D 268 17.41 -39.06 -11.10
CA ASP D 268 18.28 -38.39 -10.13
C ASP D 268 19.01 -37.20 -10.75
N GLN D 269 18.31 -36.47 -11.63
CA GLN D 269 18.87 -35.28 -12.25
C GLN D 269 17.76 -34.42 -12.81
N GLU D 270 18.14 -33.24 -13.30
CA GLU D 270 17.18 -32.30 -13.86
C GLU D 270 16.56 -32.84 -15.14
N LEU D 271 15.31 -32.46 -15.37
CA LEU D 271 14.59 -32.84 -16.58
C LEU D 271 14.16 -31.65 -17.42
N MET D 272 13.63 -30.60 -16.79
CA MET D 272 13.16 -29.44 -17.53
C MET D 272 13.24 -28.22 -16.63
N THR D 273 13.32 -27.04 -17.25
CA THR D 273 13.30 -25.77 -16.55
C THR D 273 12.25 -24.86 -17.19
N TYR D 274 11.51 -24.15 -16.35
CA TYR D 274 10.44 -23.26 -16.79
C TYR D 274 10.81 -21.83 -16.43
N SER D 275 11.12 -21.03 -17.44
CA SER D 275 11.58 -19.66 -17.21
C SER D 275 11.23 -18.80 -18.42
N HIS D 276 11.29 -17.49 -18.20
CA HIS D 276 11.07 -16.52 -19.27
C HIS D 276 11.92 -15.28 -18.98
N ASP D 277 12.31 -14.60 -20.07
CA ASP D 277 13.10 -13.38 -19.91
C ASP D 277 12.30 -12.28 -19.23
N ASN D 278 11.00 -12.19 -19.54
CA ASN D 278 10.15 -11.18 -18.90
C ASN D 278 10.06 -11.40 -17.41
N ILE D 279 9.92 -12.65 -16.97
CA ILE D 279 9.77 -12.97 -15.56
C ILE D 279 11.12 -12.85 -14.86
N ILE D 280 11.18 -12.03 -13.82
CA ILE D 280 12.40 -11.85 -13.04
C ILE D 280 12.19 -12.06 -11.55
N CYS D 281 10.95 -12.11 -11.07
CA CYS D 281 10.68 -12.31 -9.65
C CYS D 281 10.61 -13.79 -9.32
N GLY D 282 10.80 -14.10 -8.04
CA GLY D 282 10.85 -15.48 -7.60
C GLY D 282 9.50 -16.15 -7.58
N ILE D 283 9.53 -17.47 -7.39
CA ILE D 283 8.33 -18.30 -7.34
C ILE D 283 8.00 -18.57 -5.88
N THR D 284 6.73 -18.37 -5.51
CA THR D 284 6.29 -18.54 -4.14
C THR D 284 5.56 -19.86 -3.89
N SER D 285 4.87 -20.40 -4.90
CA SER D 285 4.13 -21.63 -4.74
C SER D 285 4.09 -22.38 -6.07
N VAL D 286 4.19 -23.71 -5.98
CA VAL D 286 4.16 -24.58 -7.15
C VAL D 286 3.23 -25.75 -6.88
N SER D 287 2.38 -26.09 -7.84
CA SER D 287 1.52 -27.25 -7.74
C SER D 287 1.25 -27.78 -9.14
N PHE D 288 0.85 -29.05 -9.21
CA PHE D 288 0.56 -29.71 -10.47
C PHE D 288 -0.95 -29.80 -10.68
N SER D 289 -1.34 -30.44 -11.76
CA SER D 289 -2.74 -30.69 -12.08
C SER D 289 -3.08 -32.14 -11.76
N LYS D 290 -4.30 -32.56 -12.11
CA LYS D 290 -4.73 -33.92 -11.84
C LYS D 290 -3.90 -34.93 -12.62
N SER D 291 -3.68 -34.67 -13.91
CA SER D 291 -2.91 -35.57 -14.76
C SER D 291 -1.44 -35.24 -14.80
N GLY D 292 -1.02 -34.12 -14.20
CA GLY D 292 0.37 -33.72 -14.22
C GLY D 292 0.82 -33.04 -15.50
N ARG D 293 -0.06 -32.90 -16.48
CA ARG D 293 0.31 -32.21 -17.71
C ARG D 293 0.42 -30.71 -17.51
N LEU D 294 -0.30 -30.16 -16.53
CA LEU D 294 -0.37 -28.73 -16.30
C LEU D 294 0.32 -28.40 -14.98
N LEU D 295 1.24 -27.45 -15.02
CA LEU D 295 1.95 -26.98 -13.83
C LEU D 295 1.54 -25.54 -13.54
N LEU D 296 1.10 -25.30 -12.31
CA LEU D 296 0.71 -23.97 -11.86
C LEU D 296 1.74 -23.46 -10.87
N ALA D 297 2.24 -22.24 -11.10
CA ALA D 297 3.28 -21.66 -10.28
C ALA D 297 2.91 -20.24 -9.90
N GLY D 298 3.07 -19.90 -8.62
CA GLY D 298 2.87 -18.54 -8.18
C GLY D 298 4.12 -17.69 -8.34
N TYR D 299 3.92 -16.37 -8.37
CA TYR D 299 5.02 -15.44 -8.58
C TYR D 299 4.82 -14.21 -7.70
N ASP D 300 5.91 -13.47 -7.51
CA ASP D 300 5.89 -12.24 -6.74
C ASP D 300 5.38 -11.05 -7.54
N ASP D 301 5.17 -11.19 -8.85
CA ASP D 301 4.65 -10.13 -9.69
C ASP D 301 3.12 -10.09 -9.70
N PHE D 302 2.48 -10.62 -8.66
CA PHE D 302 1.04 -10.63 -8.46
C PHE D 302 0.32 -11.55 -9.45
N ASN D 303 1.04 -12.43 -10.15
CA ASN D 303 0.47 -13.27 -11.18
C ASN D 303 0.81 -14.73 -10.92
N CYS D 304 -0.07 -15.61 -11.37
CA CYS D 304 0.17 -17.05 -11.37
C CYS D 304 0.26 -17.51 -12.81
N ASN D 305 1.36 -18.17 -13.16
CA ASN D 305 1.62 -18.61 -14.52
C ASN D 305 1.36 -20.11 -14.63
N VAL D 306 0.64 -20.50 -15.67
CA VAL D 306 0.31 -21.89 -15.92
C VAL D 306 1.30 -22.44 -16.94
N TRP D 307 2.10 -23.43 -16.53
CA TRP D 307 3.18 -23.96 -17.34
C TRP D 307 2.84 -25.37 -17.81
N ASP D 308 3.06 -25.64 -19.09
CA ASP D 308 2.92 -26.99 -19.62
C ASP D 308 4.09 -27.83 -19.11
N ALA D 309 3.79 -28.84 -18.31
CA ALA D 309 4.84 -29.63 -17.67
C ALA D 309 5.61 -30.52 -18.63
N LEU D 310 5.15 -30.67 -19.87
CA LEU D 310 5.82 -31.54 -20.84
C LEU D 310 6.48 -30.79 -21.98
N LYS D 311 6.15 -29.52 -22.19
CA LYS D 311 6.73 -28.73 -23.27
C LYS D 311 7.37 -27.43 -22.81
N ALA D 312 7.30 -27.11 -21.53
CA ALA D 312 7.87 -25.90 -20.94
C ALA D 312 7.32 -24.62 -21.56
N ASP D 313 6.16 -24.68 -22.20
CA ASP D 313 5.54 -23.52 -22.82
C ASP D 313 4.35 -23.08 -21.99
N ARG D 314 4.31 -21.79 -21.65
CA ARG D 314 3.20 -21.27 -20.85
C ARG D 314 1.89 -21.40 -21.61
N ALA D 315 0.86 -21.89 -20.93
CA ALA D 315 -0.45 -22.07 -21.53
C ALA D 315 -1.46 -21.01 -21.13
N GLY D 316 -1.23 -20.32 -20.03
CA GLY D 316 -2.16 -19.28 -19.59
C GLY D 316 -1.61 -18.56 -18.38
N VAL D 317 -2.32 -17.50 -18.00
CA VAL D 317 -1.94 -16.66 -16.87
C VAL D 317 -3.17 -16.44 -16.01
N LEU D 318 -3.01 -16.59 -14.69
CA LEU D 318 -4.07 -16.35 -13.72
C LEU D 318 -3.71 -15.11 -12.93
N ALA D 319 -4.16 -13.95 -13.41
CA ALA D 319 -3.83 -12.65 -12.81
C ALA D 319 -5.12 -12.03 -12.27
N GLY D 320 -5.31 -12.11 -10.95
CA GLY D 320 -6.47 -11.50 -10.33
C GLY D 320 -6.17 -10.91 -8.96
N HIS D 321 -4.91 -10.97 -8.53
CA HIS D 321 -4.53 -10.58 -7.18
C HIS D 321 -3.82 -9.23 -7.20
N ASP D 322 -4.15 -8.38 -6.23
CA ASP D 322 -3.52 -7.08 -6.10
C ASP D 322 -2.16 -7.15 -5.40
N ASN D 323 -1.84 -8.26 -4.75
CA ASN D 323 -0.55 -8.44 -4.09
C ASN D 323 -0.02 -9.82 -4.40
N ARG D 324 1.21 -10.09 -3.96
CA ARG D 324 1.87 -11.34 -4.29
C ARG D 324 1.12 -12.53 -3.68
N VAL D 325 1.13 -13.63 -4.41
CA VAL D 325 0.55 -14.88 -3.91
C VAL D 325 1.58 -15.58 -3.03
N SER D 326 1.09 -16.21 -1.96
CA SER D 326 1.95 -16.95 -1.04
C SER D 326 1.51 -18.39 -0.85
N CYS D 327 0.41 -18.82 -1.48
CA CYS D 327 -0.06 -20.19 -1.36
C CYS D 327 -0.91 -20.52 -2.57
N LEU D 328 -0.73 -21.73 -3.09
CA LEU D 328 -1.48 -22.19 -4.25
C LEU D 328 -1.72 -23.69 -4.09
N GLY D 329 -2.94 -24.12 -4.38
CA GLY D 329 -3.30 -25.51 -4.20
C GLY D 329 -4.39 -26.00 -5.13
N VAL D 330 -4.24 -27.22 -5.64
CA VAL D 330 -5.21 -27.84 -6.54
C VAL D 330 -5.92 -28.96 -5.80
N THR D 331 -7.23 -29.03 -5.97
CA THR D 331 -8.03 -30.04 -5.28
C THR D 331 -7.58 -31.45 -5.65
N ASP D 332 -8.05 -32.42 -4.86
CA ASP D 332 -7.68 -33.81 -5.08
C ASP D 332 -8.17 -34.31 -6.44
N ASP D 333 -9.40 -33.94 -6.81
CA ASP D 333 -9.96 -34.33 -8.10
C ASP D 333 -9.60 -33.35 -9.22
N GLY D 334 -8.91 -32.25 -8.90
CA GLY D 334 -8.49 -31.31 -9.92
C GLY D 334 -9.57 -30.42 -10.45
N MET D 335 -10.72 -30.34 -9.77
CA MET D 335 -11.82 -29.52 -10.29
C MET D 335 -11.52 -28.04 -10.23
N ALA D 336 -10.73 -27.60 -9.25
CA ALA D 336 -10.45 -26.17 -9.10
C ALA D 336 -9.10 -25.99 -8.42
N VAL D 337 -8.59 -24.76 -8.51
CA VAL D 337 -7.35 -24.37 -7.86
C VAL D 337 -7.60 -23.08 -7.08
N ALA D 338 -7.14 -23.05 -5.83
CA ALA D 338 -7.31 -21.89 -4.96
C ALA D 338 -5.95 -21.26 -4.73
N THR D 339 -5.83 -19.97 -5.06
CA THR D 339 -4.59 -19.21 -4.90
C THR D 339 -4.84 -18.07 -3.93
N GLY D 340 -4.28 -18.17 -2.73
CA GLY D 340 -4.38 -17.12 -1.73
C GLY D 340 -3.16 -16.22 -1.81
N SER D 341 -3.41 -14.92 -1.74
CA SER D 341 -2.36 -13.91 -1.88
C SER D 341 -2.25 -13.09 -0.61
N TRP D 342 -1.31 -12.15 -0.62
CA TRP D 342 -1.05 -11.31 0.55
C TRP D 342 -2.10 -10.23 0.74
N ASP D 343 -3.03 -10.07 -0.20
CA ASP D 343 -4.12 -9.10 -0.06
C ASP D 343 -5.29 -9.63 0.76
N SER D 344 -5.08 -10.71 1.52
CA SER D 344 -6.11 -11.32 2.38
C SER D 344 -7.32 -11.78 1.56
N PHE D 345 -7.09 -12.22 0.32
CA PHE D 345 -8.16 -12.68 -0.54
C PHE D 345 -7.79 -14.05 -1.12
N LEU D 346 -8.73 -14.97 -1.07
CA LEU D 346 -8.58 -16.30 -1.67
C LEU D 346 -9.53 -16.42 -2.85
N LYS D 347 -8.99 -16.82 -4.00
CA LYS D 347 -9.76 -16.95 -5.22
C LYS D 347 -9.73 -18.37 -5.73
N ILE D 348 -10.87 -18.86 -6.19
CA ILE D 348 -11.01 -20.21 -6.72
C ILE D 348 -11.15 -20.11 -8.24
N TRP D 349 -10.23 -20.75 -8.96
CA TRP D 349 -10.22 -20.74 -10.41
C TRP D 349 -10.68 -22.10 -10.95
N ASN D 350 -11.35 -22.06 -12.08
CA ASN D 350 -11.87 -23.29 -12.70
C ASN D 350 -11.83 -23.20 -14.22
N SER E 8 31.89 -24.80 13.32
CA SER E 8 31.45 -25.91 12.48
C SER E 8 32.64 -26.75 12.03
N ILE E 9 32.79 -27.93 12.64
CA ILE E 9 33.88 -28.85 12.32
C ILE E 9 33.36 -30.22 11.89
N ALA E 10 32.39 -30.77 12.63
CA ALA E 10 31.95 -32.14 12.38
C ALA E 10 31.16 -32.28 11.09
N GLN E 11 30.55 -31.20 10.61
CA GLN E 11 29.73 -31.30 9.41
C GLN E 11 30.57 -31.65 8.18
N ALA E 12 31.84 -31.26 8.17
CA ALA E 12 32.71 -31.65 7.06
C ALA E 12 33.13 -33.11 7.16
N ARG E 13 33.29 -33.63 8.38
CA ARG E 13 33.70 -35.02 8.55
C ARG E 13 32.56 -35.97 8.24
N LYS E 14 31.34 -35.63 8.66
CA LYS E 14 30.18 -36.50 8.45
C LYS E 14 29.64 -36.44 7.03
N LEU E 15 30.10 -35.49 6.22
CA LEU E 15 29.61 -35.39 4.84
C LEU E 15 30.21 -36.48 3.96
N VAL E 16 31.35 -37.04 4.34
CA VAL E 16 32.02 -38.03 3.51
C VAL E 16 31.18 -39.30 3.38
N GLU E 17 30.71 -39.82 4.51
CA GLU E 17 29.89 -41.03 4.45
C GLU E 17 28.49 -40.74 3.91
N GLN E 18 28.00 -39.51 4.09
CA GLN E 18 26.73 -39.14 3.48
C GLN E 18 26.82 -39.12 1.97
N LEU E 19 27.94 -38.63 1.42
CA LEU E 19 28.10 -38.56 -0.02
C LEU E 19 28.38 -39.93 -0.64
N LYS E 20 29.07 -40.81 0.08
CA LYS E 20 29.35 -42.14 -0.45
C LYS E 20 28.06 -42.93 -0.65
N MET E 21 27.12 -42.82 0.30
CA MET E 21 25.88 -43.59 0.20
C MET E 21 25.04 -43.13 -0.98
N GLU E 22 25.05 -41.83 -1.28
CA GLU E 22 24.29 -41.28 -2.39
C GLU E 22 24.99 -41.50 -3.73
N ALA E 23 26.15 -42.15 -3.76
CA ALA E 23 26.89 -42.35 -4.99
C ALA E 23 26.77 -43.77 -5.54
N ASN E 24 26.46 -44.75 -4.69
CA ASN E 24 26.38 -46.15 -5.12
C ASN E 24 24.97 -46.57 -5.52
N ILE E 25 24.01 -45.66 -5.52
CA ILE E 25 22.64 -45.98 -5.89
C ILE E 25 22.56 -46.24 -7.39
N ASP E 26 21.46 -46.85 -7.84
CA ASP E 26 21.27 -47.18 -9.24
C ASP E 26 20.36 -46.14 -9.91
N ARG E 27 20.74 -45.73 -11.11
CA ARG E 27 20.00 -44.73 -11.87
C ARG E 27 19.54 -45.33 -13.19
N ILE E 28 18.28 -45.05 -13.55
CA ILE E 28 17.73 -45.51 -14.81
C ILE E 28 18.00 -44.47 -15.89
N LYS E 29 17.89 -44.90 -17.14
CA LYS E 29 18.11 -43.99 -18.26
C LYS E 29 17.00 -42.95 -18.31
N VAL E 30 17.37 -41.73 -18.73
CA VAL E 30 16.38 -40.66 -18.83
C VAL E 30 15.37 -40.93 -19.93
N SER E 31 15.77 -41.66 -20.97
CA SER E 31 14.89 -41.91 -22.11
C SER E 31 13.62 -42.63 -21.66
N LYS E 32 13.74 -43.67 -20.84
CA LYS E 32 12.56 -44.32 -20.29
C LYS E 32 11.95 -43.50 -19.16
N ALA E 33 12.77 -42.74 -18.43
CA ALA E 33 12.23 -41.90 -17.36
C ALA E 33 11.30 -40.83 -17.90
N ALA E 34 11.67 -40.19 -19.02
CA ALA E 34 10.81 -39.20 -19.64
C ALA E 34 9.63 -39.85 -20.36
N ALA E 35 9.81 -41.05 -20.90
CA ALA E 35 8.70 -41.76 -21.53
C ALA E 35 7.62 -42.11 -20.53
N ASP E 36 8.01 -42.51 -19.31
CA ASP E 36 7.03 -42.80 -18.27
C ASP E 36 6.25 -41.55 -17.90
N LEU E 37 6.92 -40.40 -17.84
CA LEU E 37 6.23 -39.15 -17.57
C LEU E 37 5.22 -38.83 -18.68
N MET E 38 5.61 -39.05 -19.93
CA MET E 38 4.70 -38.82 -21.05
C MET E 38 3.52 -39.80 -21.02
N ALA E 39 3.79 -41.07 -20.67
CA ALA E 39 2.72 -42.06 -20.65
C ALA E 39 1.68 -41.75 -19.58
N TYR E 40 2.12 -41.32 -18.40
CA TYR E 40 1.18 -41.01 -17.33
C TYR E 40 0.32 -39.80 -17.69
N CYS E 41 0.93 -38.80 -18.34
CA CYS E 41 0.19 -37.59 -18.70
C CYS E 41 -0.92 -37.91 -19.69
N GLU E 42 -0.65 -38.78 -20.67
CA GLU E 42 -1.66 -39.14 -21.65
C GLU E 42 -2.72 -40.08 -21.07
N ALA E 43 -2.33 -40.94 -20.13
CA ALA E 43 -3.28 -41.90 -19.57
C ALA E 43 -4.39 -41.19 -18.80
N HIS E 44 -4.04 -40.16 -18.04
CA HIS E 44 -5.00 -39.43 -17.22
C HIS E 44 -5.44 -38.12 -17.87
N ALA E 45 -5.16 -37.93 -19.16
CA ALA E 45 -5.55 -36.70 -19.84
C ALA E 45 -7.06 -36.54 -19.87
N LYS E 46 -7.79 -37.63 -20.13
CA LYS E 46 -9.25 -37.55 -20.20
C LYS E 46 -9.84 -37.18 -18.85
N GLU E 47 -9.32 -37.76 -17.77
CA GLU E 47 -9.88 -37.50 -16.44
C GLU E 47 -9.66 -36.05 -16.01
N ASP E 48 -8.50 -35.48 -16.34
CA ASP E 48 -8.13 -34.13 -15.94
C ASP E 48 -9.15 -33.11 -16.42
N PRO E 49 -9.86 -32.43 -15.52
CA PRO E 49 -10.84 -31.43 -15.95
C PRO E 49 -10.21 -30.08 -16.28
N LEU E 50 -9.07 -29.77 -15.65
CA LEU E 50 -8.38 -28.53 -15.95
C LEU E 50 -7.75 -28.57 -17.35
N LEU E 51 -7.30 -29.74 -17.79
CA LEU E 51 -6.73 -29.87 -19.13
C LEU E 51 -7.81 -29.72 -20.19
N THR E 52 -8.80 -30.61 -20.16
CA THR E 52 -9.92 -30.54 -21.08
C THR E 52 -11.11 -29.92 -20.35
N PRO E 53 -11.55 -28.72 -20.73
CA PRO E 53 -12.62 -28.04 -19.97
C PRO E 53 -13.88 -28.88 -19.84
N VAL E 54 -14.26 -29.18 -18.60
CA VAL E 54 -15.49 -29.93 -18.34
C VAL E 54 -16.69 -29.07 -18.74
N PRO E 55 -17.76 -29.65 -19.27
CA PRO E 55 -18.93 -28.85 -19.63
C PRO E 55 -19.68 -28.37 -18.39
N ALA E 56 -20.64 -27.48 -18.63
CA ALA E 56 -21.44 -26.94 -17.54
C ALA E 56 -22.34 -28.03 -16.94
N SER E 57 -22.99 -27.70 -15.84
CA SER E 57 -23.85 -28.60 -15.07
C SER E 57 -23.10 -29.79 -14.51
N GLU E 58 -21.76 -29.73 -14.50
CA GLU E 58 -20.93 -30.79 -13.93
C GLU E 58 -20.08 -30.30 -12.78
N ASN E 59 -19.38 -29.19 -12.95
CA ASN E 59 -18.60 -28.65 -11.85
C ASN E 59 -19.52 -27.97 -10.83
N PRO E 60 -19.19 -28.05 -9.54
CA PRO E 60 -20.02 -27.42 -8.51
C PRO E 60 -19.80 -25.93 -8.31
N PHE E 61 -18.92 -25.31 -9.09
CA PHE E 61 -18.65 -23.88 -9.00
C PHE E 61 -19.40 -23.07 -10.05
N ARG E 62 -20.31 -23.69 -10.79
CA ARG E 62 -21.06 -22.98 -11.82
C ARG E 62 -22.05 -22.00 -11.20
N GLN F 1 24.04 -26.48 -7.80
CA GLN F 1 25.14 -26.51 -6.84
C GLN F 1 26.14 -25.41 -7.14
N VAL F 2 26.09 -24.35 -6.34
CA VAL F 2 27.04 -23.24 -6.47
C VAL F 2 28.22 -23.49 -5.54
N GLN F 3 29.41 -23.12 -6.01
CA GLN F 3 30.62 -23.33 -5.24
C GLN F 3 31.68 -22.34 -5.73
N LEU F 4 32.36 -21.70 -4.78
CA LEU F 4 33.31 -20.63 -5.07
C LEU F 4 34.66 -20.98 -4.46
N GLN F 5 35.57 -21.50 -5.27
CA GLN F 5 36.94 -21.77 -4.83
C GLN F 5 37.81 -20.62 -5.34
N GLU F 6 38.48 -19.94 -4.43
CA GLU F 6 39.33 -18.80 -4.77
C GLU F 6 40.80 -19.11 -4.51
N SER F 7 41.65 -18.53 -5.35
CA SER F 7 43.09 -18.73 -5.30
C SER F 7 43.75 -17.57 -4.57
N GLY F 8 45.08 -17.54 -4.59
CA GLY F 8 45.83 -16.50 -3.94
C GLY F 8 46.01 -16.75 -2.45
N GLY F 9 46.55 -15.73 -1.79
CA GLY F 9 46.77 -15.81 -0.36
C GLY F 9 48.09 -16.48 -0.03
N GLY F 10 48.31 -16.65 1.27
CA GLY F 10 49.52 -17.25 1.79
C GLY F 10 50.35 -16.25 2.57
N LEU F 11 51.49 -16.76 3.08
CA LEU F 11 52.39 -15.93 3.87
C LEU F 11 53.04 -14.88 2.98
N VAL F 12 53.07 -13.63 3.46
CA VAL F 12 53.67 -12.53 2.73
C VAL F 12 54.24 -11.54 3.72
N GLN F 13 55.27 -10.80 3.29
CA GLN F 13 55.86 -9.78 4.13
C GLN F 13 54.92 -8.59 4.26
N PRO F 14 55.07 -7.78 5.32
CA PRO F 14 54.25 -6.58 5.44
C PRO F 14 54.45 -5.64 4.25
N GLY F 15 53.33 -5.21 3.66
CA GLY F 15 53.36 -4.38 2.48
C GLY F 15 53.44 -5.13 1.17
N GLY F 16 53.56 -6.46 1.21
CA GLY F 16 53.64 -7.24 0.00
C GLY F 16 52.29 -7.33 -0.69
N SER F 17 52.20 -6.82 -1.90
CA SER F 17 50.92 -6.78 -2.63
C SER F 17 50.50 -8.18 -3.04
N LEU F 18 49.23 -8.50 -2.84
CA LEU F 18 48.66 -9.78 -3.25
C LEU F 18 47.31 -9.55 -3.90
N ARG F 19 46.90 -10.50 -4.74
CA ARG F 19 45.60 -10.48 -5.38
C ARG F 19 44.83 -11.73 -5.00
N LEU F 20 43.52 -11.60 -4.83
CA LEU F 20 42.65 -12.71 -4.45
C LEU F 20 41.60 -12.86 -5.55
N SER F 21 41.71 -13.93 -6.33
CA SER F 21 40.82 -14.18 -7.45
C SER F 21 39.77 -15.22 -7.04
N CYS F 22 38.50 -14.85 -7.14
CA CYS F 22 37.40 -15.73 -6.80
C CYS F 22 36.83 -16.34 -8.07
N ALA F 23 36.82 -17.67 -8.15
CA ALA F 23 36.27 -18.39 -9.28
C ALA F 23 34.85 -18.84 -8.95
N ALA F 24 33.91 -18.54 -9.84
CA ALA F 24 32.50 -18.82 -9.63
C ALA F 24 32.01 -19.82 -10.67
N SER F 25 31.15 -20.75 -10.23
CA SER F 25 30.56 -21.73 -11.11
C SER F 25 29.20 -22.14 -10.55
N GLY F 26 28.36 -22.67 -11.44
CA GLY F 26 27.05 -23.14 -11.06
C GLY F 26 25.95 -22.09 -11.12
N PHE F 27 26.29 -20.83 -11.40
CA PHE F 27 25.29 -19.79 -11.51
C PHE F 27 25.81 -18.69 -12.42
N THR F 28 24.89 -17.95 -13.03
CA THR F 28 25.27 -16.82 -13.86
C THR F 28 25.78 -15.69 -12.99
N PHE F 29 26.81 -14.98 -13.47
CA PHE F 29 27.51 -14.00 -12.66
C PHE F 29 27.06 -12.57 -12.92
N SER F 30 26.34 -12.32 -14.02
CA SER F 30 26.07 -10.96 -14.44
C SER F 30 25.03 -10.24 -13.59
N ASN F 31 24.28 -10.97 -12.75
CA ASN F 31 23.18 -10.36 -12.02
C ASN F 31 23.21 -10.73 -10.53
N TYR F 32 24.39 -10.94 -9.97
CA TYR F 32 24.54 -11.26 -8.56
C TYR F 32 25.54 -10.32 -7.93
N LYS F 33 25.15 -9.72 -6.80
CA LYS F 33 26.08 -8.91 -6.03
C LYS F 33 27.10 -9.80 -5.32
N MET F 34 28.33 -9.31 -5.22
CA MET F 34 29.41 -10.08 -4.62
C MET F 34 30.00 -9.34 -3.44
N ASN F 35 30.50 -10.11 -2.47
CA ASN F 35 31.06 -9.55 -1.25
C ASN F 35 32.33 -10.30 -0.87
N TRP F 36 33.14 -9.66 -0.04
CA TRP F 36 34.31 -10.28 0.56
C TRP F 36 34.18 -10.20 2.08
N VAL F 37 34.45 -11.30 2.76
CA VAL F 37 34.33 -11.37 4.22
C VAL F 37 35.55 -12.07 4.78
N ARG F 38 36.11 -11.52 5.85
CA ARG F 38 37.26 -12.09 6.54
C ARG F 38 36.86 -12.61 7.91
N GLN F 39 37.65 -13.55 8.42
CA GLN F 39 37.44 -14.13 9.75
C GLN F 39 38.74 -13.94 10.54
N ALA F 40 38.76 -12.93 11.40
CA ALA F 40 39.93 -12.68 12.23
C ALA F 40 40.11 -13.82 13.23
N PRO F 41 41.35 -14.29 13.45
CA PRO F 41 41.58 -15.35 14.44
C PRO F 41 41.06 -14.97 15.82
N GLY F 42 40.16 -15.79 16.36
CA GLY F 42 39.57 -15.50 17.66
C GLY F 42 38.43 -14.52 17.62
N LYS F 43 38.00 -14.08 16.44
CA LYS F 43 36.91 -13.13 16.30
C LYS F 43 35.92 -13.66 15.27
N GLY F 44 34.77 -12.98 15.18
CA GLY F 44 33.73 -13.38 14.26
C GLY F 44 33.99 -12.88 12.84
N LEU F 45 33.03 -13.18 11.97
CA LEU F 45 33.14 -12.76 10.58
C LEU F 45 33.03 -11.25 10.46
N GLU F 46 33.81 -10.69 9.53
CA GLU F 46 33.84 -9.26 9.28
C GLU F 46 33.65 -8.99 7.80
N TRP F 47 32.96 -7.91 7.48
CA TRP F 47 32.70 -7.53 6.10
C TRP F 47 33.81 -6.63 5.57
N VAL F 48 34.21 -6.87 4.32
CA VAL F 48 35.32 -6.15 3.70
C VAL F 48 34.82 -5.16 2.63
N SER F 49 34.18 -5.68 1.58
CA SER F 49 33.75 -4.83 0.47
C SER F 49 32.67 -5.55 -0.32
N ASP F 50 32.02 -4.79 -1.20
CA ASP F 50 31.03 -5.35 -2.11
C ASP F 50 31.05 -4.56 -3.41
N ILE F 51 30.50 -5.17 -4.46
CA ILE F 51 30.43 -4.55 -5.78
C ILE F 51 29.07 -4.86 -6.38
N SER F 52 28.49 -3.88 -7.06
CA SER F 52 27.17 -4.04 -7.65
C SER F 52 27.24 -4.99 -8.86
N GLN F 53 26.07 -5.27 -9.44
CA GLN F 53 26.01 -6.16 -10.58
C GLN F 53 26.75 -5.59 -11.78
N SER F 54 26.59 -4.29 -12.04
CA SER F 54 27.24 -3.64 -13.17
C SER F 54 28.70 -3.30 -12.90
N GLY F 55 29.16 -3.44 -11.66
CA GLY F 55 30.53 -3.10 -11.32
C GLY F 55 30.78 -1.64 -11.06
N ALA F 56 29.72 -0.81 -10.98
CA ALA F 56 29.89 0.63 -10.78
C ALA F 56 29.89 0.98 -9.29
N SER F 57 28.85 0.58 -8.57
CA SER F 57 28.72 0.91 -7.15
C SER F 57 29.68 0.04 -6.34
N ILE F 58 30.70 0.66 -5.78
CA ILE F 58 31.72 -0.03 -5.00
C ILE F 58 31.77 0.57 -3.60
N SER F 59 31.72 -0.31 -2.60
CA SER F 59 31.74 0.11 -1.19
C SER F 59 32.71 -0.75 -0.43
N TYR F 60 33.41 -0.15 0.55
CA TYR F 60 34.41 -0.84 1.35
C TYR F 60 34.10 -0.68 2.83
N THR F 61 34.81 -1.46 3.65
CA THR F 61 34.75 -1.26 5.08
C THR F 61 35.62 -0.06 5.46
N GLY F 62 35.57 0.32 6.74
CA GLY F 62 36.24 1.54 7.17
C GLY F 62 37.75 1.49 6.99
N SER F 63 38.36 0.34 7.27
CA SER F 63 39.81 0.27 7.38
C SER F 63 40.52 -0.12 6.09
N VAL F 64 39.81 -0.31 4.98
CA VAL F 64 40.46 -0.82 3.77
C VAL F 64 40.22 0.08 2.57
N LYS F 65 39.65 1.27 2.80
CA LYS F 65 39.37 2.17 1.68
C LYS F 65 40.65 2.64 1.00
N GLY F 66 41.67 2.97 1.78
CA GLY F 66 42.94 3.42 1.21
C GLY F 66 43.93 2.33 0.90
N ARG F 67 43.54 1.07 1.04
CA ARG F 67 44.47 -0.05 0.86
C ARG F 67 44.01 -1.06 -0.18
N PHE F 68 42.72 -1.37 -0.23
CA PHE F 68 42.22 -2.43 -1.11
C PHE F 68 41.46 -1.84 -2.28
N THR F 69 41.60 -2.49 -3.44
CA THR F 69 40.77 -2.21 -4.60
C THR F 69 40.23 -3.53 -5.12
N ILE F 70 39.00 -3.52 -5.60
CA ILE F 70 38.32 -4.73 -6.06
C ILE F 70 37.82 -4.51 -7.48
N SER F 71 37.67 -5.61 -8.21
CA SER F 71 37.15 -5.58 -9.57
C SER F 71 36.39 -6.87 -9.83
N ARG F 72 35.46 -6.81 -10.78
CA ARG F 72 34.65 -7.96 -11.16
C ARG F 72 34.62 -8.07 -12.68
N ASP F 73 34.86 -9.27 -13.20
CA ASP F 73 34.84 -9.53 -14.63
C ASP F 73 33.73 -10.51 -14.93
N ASN F 74 32.77 -10.09 -15.77
CA ASN F 74 31.65 -10.94 -16.12
C ASN F 74 31.95 -11.89 -17.27
N ALA F 75 32.89 -11.54 -18.14
CA ALA F 75 33.23 -12.42 -19.27
C ALA F 75 33.78 -13.75 -18.78
N LYS F 76 34.67 -13.72 -17.77
CA LYS F 76 35.26 -14.92 -17.21
C LYS F 76 34.81 -15.17 -15.78
N ASN F 77 33.66 -14.61 -15.39
CA ASN F 77 32.98 -14.80 -14.10
C ASN F 77 33.94 -14.95 -12.92
N THR F 78 34.92 -14.04 -12.82
CA THR F 78 35.89 -14.06 -11.74
C THR F 78 35.87 -12.75 -10.99
N LEU F 79 35.97 -12.85 -9.66
CA LEU F 79 35.99 -11.70 -8.77
C LEU F 79 37.39 -11.54 -8.19
N TYR F 80 37.93 -10.32 -8.24
CA TYR F 80 39.28 -10.05 -7.80
C TYR F 80 39.29 -9.08 -6.64
N LEU F 81 40.17 -9.34 -5.68
CA LEU F 81 40.46 -8.44 -4.58
C LEU F 81 41.96 -8.20 -4.53
N GLN F 82 42.36 -6.93 -4.54
CA GLN F 82 43.77 -6.55 -4.57
C GLN F 82 44.19 -6.03 -3.21
N MET F 83 45.33 -6.54 -2.72
CA MET F 83 45.84 -6.19 -1.40
C MET F 83 47.05 -5.26 -1.57
N ASN F 84 47.02 -4.14 -0.85
CA ASN F 84 48.13 -3.19 -0.88
C ASN F 84 48.37 -2.63 0.51
N SER F 85 49.65 -2.48 0.87
CA SER F 85 50.06 -1.92 2.15
C SER F 85 49.44 -2.68 3.31
N LEU F 86 49.75 -3.98 3.36
CA LEU F 86 49.22 -4.85 4.40
C LEU F 86 49.93 -4.59 5.73
N LYS F 87 49.23 -4.91 6.82
CA LYS F 87 49.73 -4.80 8.17
C LYS F 87 49.43 -6.09 8.91
N PRO F 88 50.19 -6.40 9.97
CA PRO F 88 49.91 -7.62 10.73
C PRO F 88 48.54 -7.64 11.40
N GLU F 89 47.89 -6.48 11.53
CA GLU F 89 46.61 -6.42 12.25
C GLU F 89 45.48 -7.08 11.46
N ASP F 90 45.53 -7.03 10.13
CA ASP F 90 44.40 -7.47 9.31
C ASP F 90 44.51 -8.92 8.86
N THR F 91 45.49 -9.68 9.37
CA THR F 91 45.64 -11.06 8.97
C THR F 91 44.40 -11.87 9.36
N ALA F 92 43.90 -12.66 8.42
CA ALA F 92 42.67 -13.43 8.60
C ALA F 92 42.51 -14.34 7.38
N VAL F 93 41.44 -15.13 7.40
CA VAL F 93 41.06 -15.97 6.27
C VAL F 93 39.91 -15.29 5.54
N TYR F 94 40.05 -15.13 4.24
CA TYR F 94 39.11 -14.34 3.44
C TYR F 94 38.16 -15.27 2.68
N TYR F 95 36.86 -15.06 2.88
CA TYR F 95 35.82 -15.81 2.19
C TYR F 95 35.21 -14.94 1.10
N CYS F 96 34.96 -15.54 -0.06
CA CYS F 96 34.34 -14.85 -1.19
C CYS F 96 32.85 -15.20 -1.18
N ALA F 97 32.02 -14.23 -0.83
CA ALA F 97 30.60 -14.45 -0.61
C ALA F 97 29.79 -14.10 -1.86
N ARG F 98 28.51 -14.46 -1.82
CA ARG F 98 27.59 -14.21 -2.92
C ARG F 98 26.26 -13.73 -2.36
N CYS F 99 25.57 -12.88 -3.11
CA CYS F 99 24.33 -12.32 -2.61
C CYS F 99 23.19 -13.32 -2.81
N PRO F 100 22.30 -13.48 -1.82
CA PRO F 100 21.32 -14.57 -1.90
C PRO F 100 20.37 -14.48 -3.09
N ALA F 101 20.02 -13.29 -3.55
CA ALA F 101 19.03 -13.15 -4.60
C ALA F 101 19.53 -12.25 -5.71
N PRO F 102 19.07 -12.47 -6.94
CA PRO F 102 19.45 -11.59 -8.05
C PRO F 102 18.45 -10.45 -8.24
N PHE F 103 18.89 -9.46 -9.02
CA PHE F 103 18.07 -8.29 -9.37
C PHE F 103 17.57 -7.57 -8.12
N THR F 104 18.42 -7.45 -7.11
CA THR F 104 18.08 -6.78 -5.87
C THR F 104 19.27 -5.98 -5.37
N ARG F 105 18.98 -4.94 -4.60
CA ARG F 105 20.02 -4.09 -4.04
C ARG F 105 20.44 -4.51 -2.63
N ASP F 106 19.49 -4.99 -1.83
CA ASP F 106 19.82 -5.45 -0.49
C ASP F 106 20.62 -6.75 -0.56
N CYS F 107 21.35 -7.03 0.52
CA CYS F 107 22.13 -8.27 0.59
C CYS F 107 22.13 -8.71 2.05
N PHE F 108 21.64 -9.93 2.30
CA PHE F 108 21.40 -10.41 3.64
C PHE F 108 22.26 -11.64 3.94
N ASP F 109 22.62 -11.77 5.22
CA ASP F 109 23.29 -12.96 5.76
C ASP F 109 24.64 -13.23 5.11
N VAL F 110 25.26 -12.21 4.51
CA VAL F 110 26.58 -12.41 3.90
C VAL F 110 27.60 -12.73 4.97
N THR F 111 27.57 -12.01 6.08
CA THR F 111 28.50 -12.23 7.19
C THR F 111 27.99 -13.23 8.21
N SER F 112 26.92 -13.96 7.89
CA SER F 112 26.36 -14.93 8.82
C SER F 112 27.32 -16.10 9.03
N THR F 113 27.21 -16.71 10.21
CA THR F 113 28.10 -17.83 10.55
C THR F 113 27.87 -19.01 9.61
N THR F 114 26.62 -19.32 9.29
CA THR F 114 26.28 -20.42 8.40
C THR F 114 25.61 -19.84 7.16
N TYR F 115 26.34 -19.83 6.05
CA TYR F 115 25.83 -19.32 4.78
C TYR F 115 26.06 -20.37 3.70
N ALA F 116 25.01 -20.64 2.92
CA ALA F 116 25.10 -21.69 1.91
C ALA F 116 25.98 -21.27 0.73
N TYR F 117 25.79 -20.05 0.23
CA TYR F 117 26.50 -19.59 -0.95
C TYR F 117 27.75 -18.79 -0.55
N ARG F 118 28.66 -19.50 0.13
CA ARG F 118 29.94 -18.92 0.52
C ARG F 118 31.03 -19.96 0.30
N GLY F 119 32.16 -19.52 -0.22
CA GLY F 119 33.25 -20.40 -0.56
C GLY F 119 34.10 -20.77 0.63
N GLN F 120 35.08 -21.64 0.38
CA GLN F 120 36.03 -22.09 1.39
C GLN F 120 37.21 -21.11 1.40
N GLY F 121 37.38 -20.39 2.50
CA GLY F 121 38.34 -19.30 2.53
C GLY F 121 39.77 -19.77 2.48
N THR F 122 40.65 -18.85 2.10
CA THR F 122 42.09 -19.07 2.07
C THR F 122 42.75 -18.18 3.11
N GLN F 123 43.54 -18.80 4.00
CA GLN F 123 44.18 -18.07 5.09
C GLN F 123 45.37 -17.28 4.54
N VAL F 124 45.43 -15.99 4.88
CA VAL F 124 46.55 -15.13 4.52
C VAL F 124 47.25 -14.71 5.81
N THR F 125 48.58 -14.68 5.77
CA THR F 125 49.38 -14.33 6.92
C THR F 125 50.34 -13.21 6.53
N VAL F 126 50.28 -12.10 7.26
CA VAL F 126 51.16 -10.96 7.03
C VAL F 126 51.94 -10.74 8.32
N SER F 127 53.21 -11.15 8.32
CA SER F 127 54.07 -11.01 9.49
C SER F 127 55.52 -10.95 9.05
N SER F 128 56.37 -10.47 9.95
CA SER F 128 57.79 -10.36 9.67
C SER F 128 58.62 -10.86 10.85
C1 A1B90 G . -31.75 43.71 5.17
O2 A1B90 G . -32.30 44.47 5.90
C2 A1B90 G . -30.77 42.69 5.74
C3 A1B90 G . -31.11 42.30 7.17
C4 A1B90 G . -30.17 41.23 7.72
C5 A1B90 G . -30.68 40.62 9.03
#